data_4IP4
#
_entry.id   4IP4
#
_cell.length_a   101.051
_cell.length_b   141.332
_cell.length_c   59.778
_cell.angle_alpha   90.00
_cell.angle_beta   90.00
_cell.angle_gamma   90.00
#
_symmetry.space_group_name_H-M   'P 21 21 2'
#
loop_
_entity.id
_entity.type
_entity.pdbx_description
1 polymer 'Mandelate racemase/muconate lactonizing enzyme-like protein'
2 non-polymer GLYCEROL
3 non-polymer 'MAGNESIUM ION'
4 non-polymer 'CARBON DIOXIDE'
5 water water
#
_entity_poly.entity_id   1
_entity_poly.type   'polypeptide(L)'
_entity_poly.pdbx_seq_one_letter_code
;MTKITGLRTYDLRFPTSEGLDGSDAMNPDPDYSAAYVILETEGTHEGHGLTFTIGRGNEICIAAIKALGALVVGLDLDWI
REDMGRFWRHVTGDSQLRWIGPDKGAIHLAAGAVVNAVWDLWAKDTGKPVWRLVADMSPAEILRLIDFRYLTDVLAPEEA
LDLLKAAEPGKEERIARLIEEGYPCYTTSAGWLGYSDEKLRRLCREARAAGFTHTKFKVGRDLSDDIRRLTIAREELGED
MNIMIDANQVWEVDEAIDWVNRLAFARPLFIEEPTSPDDVLGHKAIREGVAPIKVATGEMCQNRIMFKQFIASGALDIVQ
IDSCRMGGLNEVLAVMLVAAKYDLPVWPHAGGVGLCEYVQHMSMIDYVAICGEKDSKRIEYVDHLHEHFKHPCIVTGGAY
QAPHAPGFSIEMKEDTLDAFLFSDG
;
_entity_poly.pdbx_strand_id   A,B
#
loop_
_chem_comp.id
_chem_comp.type
_chem_comp.name
_chem_comp.formula
CO2 non-polymer 'CARBON DIOXIDE' 'C O2'
GOL non-polymer GLYCEROL 'C3 H8 O3'
MG non-polymer 'MAGNESIUM ION' 'Mg 2'
#
# COMPACT_ATOMS: atom_id res chain seq x y z
N THR A 2 -27.85 -14.77 -15.28
CA THR A 2 -26.48 -15.25 -15.11
C THR A 2 -26.02 -15.06 -13.67
N LYS A 3 -25.53 -16.14 -13.07
CA LYS A 3 -25.05 -16.12 -11.70
C LYS A 3 -23.61 -16.59 -11.67
N ILE A 4 -22.77 -15.93 -10.87
CA ILE A 4 -21.38 -16.38 -10.69
C ILE A 4 -21.40 -17.56 -9.74
N THR A 5 -21.14 -18.75 -10.27
CA THR A 5 -21.41 -19.97 -9.51
C THR A 5 -20.17 -20.57 -8.86
N GLY A 6 -18.99 -20.11 -9.24
CA GLY A 6 -17.77 -20.69 -8.72
C GLY A 6 -16.55 -19.94 -9.21
N LEU A 7 -15.38 -20.37 -8.77
CA LEU A 7 -14.13 -19.69 -9.11
C LEU A 7 -12.97 -20.69 -9.19
N ARG A 8 -12.09 -20.50 -10.17
CA ARG A 8 -10.86 -21.28 -10.29
C ARG A 8 -9.69 -20.31 -10.39
N THR A 9 -8.56 -20.67 -9.78
CA THR A 9 -7.34 -19.86 -9.88
C THR A 9 -6.17 -20.67 -10.43
N TYR A 10 -5.26 -19.97 -11.09
CA TYR A 10 -4.08 -20.60 -11.66
C TYR A 10 -2.86 -19.76 -11.33
N ASP A 11 -1.84 -20.39 -10.75
CA ASP A 11 -0.58 -19.72 -10.51
C ASP A 11 0.28 -19.97 -11.75
N LEU A 12 0.30 -19.00 -12.66
CA LEU A 12 0.98 -19.16 -13.94
C LEU A 12 2.26 -18.34 -13.93
N ARG A 13 3.38 -18.99 -14.24
CA ARG A 13 4.67 -18.31 -14.26
C ARG A 13 5.42 -18.61 -15.55
N PHE A 14 5.86 -17.55 -16.23
CA PHE A 14 6.55 -17.70 -17.51
C PHE A 14 8.05 -17.45 -17.34
N PRO A 15 8.88 -18.30 -17.95
CA PRO A 15 10.33 -18.22 -17.73
C PRO A 15 10.99 -17.07 -18.48
N THR A 16 10.56 -15.84 -18.25
CA THR A 16 11.10 -14.70 -19.00
C THR A 16 12.54 -14.34 -18.62
N SER A 17 13.02 -14.88 -17.49
CA SER A 17 14.38 -14.62 -17.05
C SER A 17 15.45 -15.33 -17.91
N GLU A 18 15.01 -16.21 -18.81
CA GLU A 18 15.93 -16.88 -19.74
C GLU A 18 16.69 -15.88 -20.61
N GLY A 19 15.98 -14.90 -21.16
CA GLY A 19 16.59 -13.90 -22.01
C GLY A 19 16.65 -12.53 -21.36
N LEU A 20 16.38 -12.50 -20.06
CA LEU A 20 16.27 -11.24 -19.31
C LEU A 20 15.27 -10.25 -19.95
N ASP A 21 14.26 -10.79 -20.62
CA ASP A 21 13.17 -9.94 -21.10
C ASP A 21 12.52 -9.37 -19.84
N GLY A 22 12.34 -8.06 -19.80
CA GLY A 22 11.71 -7.44 -18.66
C GLY A 22 12.71 -6.89 -17.64
N SER A 23 13.98 -7.22 -17.82
CA SER A 23 15.02 -6.86 -16.85
C SER A 23 15.19 -5.34 -16.69
N ASP A 24 15.29 -4.87 -15.45
CA ASP A 24 15.48 -3.45 -15.21
C ASP A 24 16.34 -3.19 -13.97
N ALA A 25 16.48 -1.92 -13.61
CA ALA A 25 17.40 -1.56 -12.55
C ALA A 25 16.94 -2.08 -11.18
N MET A 26 15.63 -2.16 -10.96
CA MET A 26 15.10 -2.73 -9.71
C MET A 26 14.92 -4.25 -9.82
N ASN A 27 14.46 -4.69 -10.98
CA ASN A 27 14.08 -6.09 -11.20
C ASN A 27 14.99 -6.73 -12.24
N PRO A 28 16.09 -7.36 -11.77
CA PRO A 28 17.12 -7.81 -12.71
C PRO A 28 16.75 -9.09 -13.46
N ASP A 29 15.88 -9.92 -12.89
CA ASP A 29 15.51 -11.17 -13.55
C ASP A 29 14.05 -11.56 -13.34
N PRO A 30 13.12 -10.74 -13.81
CA PRO A 30 11.71 -11.05 -13.57
C PRO A 30 11.22 -12.29 -14.31
N ASP A 31 10.36 -13.07 -13.64
CA ASP A 31 9.64 -14.17 -14.29
C ASP A 31 8.18 -13.78 -14.42
N TYR A 32 7.82 -13.25 -15.59
CA TYR A 32 6.48 -12.74 -15.83
C TYR A 32 5.44 -13.75 -15.43
N SER A 33 4.55 -13.34 -14.52
CA SER A 33 3.58 -14.28 -13.97
C SER A 33 2.19 -13.70 -13.92
N ALA A 34 1.20 -14.59 -13.91
CA ALA A 34 -0.17 -14.16 -13.76
C ALA A 34 -0.82 -14.95 -12.65
N ALA A 35 -1.42 -14.22 -11.72
CA ALA A 35 -2.35 -14.79 -10.77
C ALA A 35 -3.69 -14.73 -11.52
N TYR A 36 -4.06 -15.85 -12.12
CA TYR A 36 -5.13 -15.89 -13.11
C TYR A 36 -6.38 -16.44 -12.42
N VAL A 37 -7.54 -15.87 -12.77
CA VAL A 37 -8.79 -16.32 -12.17
C VAL A 37 -9.88 -16.50 -13.24
N ILE A 38 -10.69 -17.54 -13.08
CA ILE A 38 -11.83 -17.75 -13.94
C ILE A 38 -13.11 -17.78 -13.12
N LEU A 39 -14.03 -16.87 -13.44
CA LEU A 39 -15.33 -16.82 -12.79
C LEU A 39 -16.31 -17.72 -13.56
N GLU A 40 -16.89 -18.68 -12.86
CA GLU A 40 -17.78 -19.65 -13.48
C GLU A 40 -19.22 -19.19 -13.43
N THR A 41 -20.00 -19.55 -14.45
CA THR A 41 -21.44 -19.29 -14.49
C THR A 41 -22.19 -20.53 -14.96
N GLU A 42 -23.52 -20.48 -14.93
CA GLU A 42 -24.33 -21.59 -15.42
C GLU A 42 -24.37 -21.60 -16.94
N GLY A 43 -24.01 -20.46 -17.53
CA GLY A 43 -24.15 -20.27 -18.96
C GLY A 43 -22.97 -20.70 -19.80
N THR A 44 -22.86 -20.09 -20.98
CA THR A 44 -21.82 -20.45 -21.93
C THR A 44 -20.53 -19.68 -21.70
N HIS A 45 -20.61 -18.55 -20.98
CA HIS A 45 -19.43 -17.70 -20.80
C HIS A 45 -18.76 -17.91 -19.46
N GLU A 46 -17.45 -17.65 -19.41
CA GLU A 46 -16.72 -17.57 -18.15
C GLU A 46 -15.93 -16.25 -18.14
N GLY A 47 -15.85 -15.61 -16.97
CA GLY A 47 -15.09 -14.39 -16.86
C GLY A 47 -13.63 -14.64 -16.50
N HIS A 48 -12.73 -14.34 -17.43
CA HIS A 48 -11.30 -14.52 -17.20
C HIS A 48 -10.66 -13.20 -16.80
N GLY A 49 -9.73 -13.26 -15.85
CA GLY A 49 -8.96 -12.09 -15.48
C GLY A 49 -7.65 -12.49 -14.86
N LEU A 50 -6.73 -11.54 -14.73
CA LEU A 50 -5.47 -11.83 -14.07
C LEU A 50 -4.96 -10.57 -13.41
N THR A 51 -4.04 -10.74 -12.48
CA THR A 51 -3.19 -9.64 -12.05
C THR A 51 -1.74 -10.08 -12.29
N PHE A 52 -0.86 -9.12 -12.56
CA PHE A 52 0.49 -9.43 -13.02
C PHE A 52 1.54 -9.31 -11.93
N THR A 53 2.40 -10.33 -11.79
CA THR A 53 3.57 -10.24 -10.90
C THR A 53 4.82 -10.74 -11.62
N ILE A 54 5.96 -10.69 -10.95
CA ILE A 54 7.19 -11.09 -11.62
C ILE A 54 7.83 -12.32 -11.02
N GLY A 55 7.02 -13.22 -10.47
CA GLY A 55 7.52 -14.51 -10.01
C GLY A 55 7.14 -14.88 -8.58
N ARG A 56 8.14 -14.93 -7.69
CA ARG A 56 7.88 -15.20 -6.29
C ARG A 56 6.87 -14.17 -5.77
N GLY A 57 5.90 -14.65 -4.98
CA GLY A 57 4.85 -13.80 -4.45
C GLY A 57 3.55 -13.91 -5.23
N ASN A 58 3.60 -14.49 -6.43
CA ASN A 58 2.38 -14.71 -7.20
C ASN A 58 1.36 -15.48 -6.36
N GLU A 59 1.87 -16.41 -5.56
CA GLU A 59 1.03 -17.25 -4.70
C GLU A 59 0.32 -16.46 -3.60
N ILE A 60 0.89 -15.34 -3.18
CA ILE A 60 0.22 -14.48 -2.20
C ILE A 60 -1.00 -13.85 -2.86
N CYS A 61 -0.84 -13.42 -4.11
CA CYS A 61 -1.97 -12.93 -4.89
C CYS A 61 -3.04 -13.99 -5.10
N ILE A 62 -2.62 -15.23 -5.34
CA ILE A 62 -3.57 -16.31 -5.48
C ILE A 62 -4.39 -16.46 -4.19
N ALA A 63 -3.72 -16.44 -3.05
CA ALA A 63 -4.42 -16.51 -1.77
C ALA A 63 -5.44 -15.38 -1.62
N ALA A 64 -5.05 -14.18 -2.04
CA ALA A 64 -5.93 -13.03 -1.89
C ALA A 64 -7.13 -13.11 -2.86
N ILE A 65 -6.90 -13.67 -4.04
CA ILE A 65 -8.01 -13.87 -4.99
C ILE A 65 -9.03 -14.84 -4.41
N LYS A 66 -8.53 -15.95 -3.86
CA LYS A 66 -9.39 -16.92 -3.20
C LYS A 66 -10.20 -16.30 -2.07
N ALA A 67 -9.58 -15.40 -1.31
CA ALA A 67 -10.28 -14.70 -0.25
C ALA A 67 -11.43 -13.84 -0.79
N LEU A 68 -11.18 -13.10 -1.87
CA LEU A 68 -12.22 -12.28 -2.49
C LEU A 68 -13.34 -13.11 -3.11
N GLY A 69 -13.04 -14.37 -3.42
CA GLY A 69 -14.01 -15.28 -4.00
C GLY A 69 -15.25 -15.43 -3.15
N ALA A 70 -15.08 -15.30 -1.84
CA ALA A 70 -16.19 -15.38 -0.90
C ALA A 70 -17.15 -14.21 -1.06
N LEU A 71 -16.68 -13.12 -1.64
CA LEU A 71 -17.52 -11.94 -1.86
C LEU A 71 -18.25 -11.96 -3.20
N VAL A 72 -17.76 -12.81 -4.11
CA VAL A 72 -18.20 -12.78 -5.50
C VAL A 72 -19.03 -13.98 -5.92
N VAL A 73 -18.65 -15.17 -5.46
CA VAL A 73 -19.41 -16.38 -5.78
C VAL A 73 -20.80 -16.29 -5.16
N GLY A 74 -21.83 -16.57 -5.97
CA GLY A 74 -23.20 -16.42 -5.51
C GLY A 74 -23.85 -15.12 -5.98
N LEU A 75 -23.06 -14.19 -6.49
CA LEU A 75 -23.62 -12.93 -6.99
C LEU A 75 -24.34 -13.14 -8.32
N ASP A 76 -25.45 -12.43 -8.51
CA ASP A 76 -26.09 -12.42 -9.80
C ASP A 76 -25.47 -11.31 -10.66
N LEU A 77 -25.23 -11.60 -11.93
CA LEU A 77 -24.54 -10.64 -12.80
C LEU A 77 -25.37 -9.38 -13.03
N ASP A 78 -26.69 -9.52 -13.07
CA ASP A 78 -27.56 -8.36 -13.25
C ASP A 78 -27.50 -7.40 -12.06
N TRP A 79 -27.30 -7.94 -10.86
CA TRP A 79 -27.15 -7.10 -9.67
C TRP A 79 -25.87 -6.27 -9.78
N ILE A 80 -24.82 -6.89 -10.32
CA ILE A 80 -23.56 -6.20 -10.56
C ILE A 80 -23.71 -5.08 -11.59
N ARG A 81 -24.30 -5.41 -12.74
CA ARG A 81 -24.47 -4.46 -13.84
C ARG A 81 -25.40 -3.32 -13.48
N GLU A 82 -26.35 -3.58 -12.59
CA GLU A 82 -27.32 -2.58 -12.16
C GLU A 82 -26.62 -1.36 -11.54
N ASP A 83 -25.51 -1.61 -10.86
CA ASP A 83 -24.73 -0.55 -10.24
C ASP A 83 -23.36 -1.14 -9.91
N MET A 84 -22.40 -1.00 -10.82
CA MET A 84 -21.12 -1.64 -10.57
C MET A 84 -20.27 -0.91 -9.52
N GLY A 85 -20.55 0.37 -9.32
CA GLY A 85 -19.93 1.11 -8.23
C GLY A 85 -20.29 0.49 -6.89
N ARG A 86 -21.55 0.08 -6.76
CA ARG A 86 -22.00 -0.67 -5.60
C ARG A 86 -21.23 -1.98 -5.49
N PHE A 87 -21.11 -2.70 -6.61
CA PHE A 87 -20.34 -3.95 -6.60
C PHE A 87 -18.88 -3.73 -6.21
N TRP A 88 -18.26 -2.68 -6.77
CA TRP A 88 -16.88 -2.35 -6.45
C TRP A 88 -16.69 -2.08 -4.95
N ARG A 89 -17.60 -1.30 -4.36
CA ARG A 89 -17.59 -1.05 -2.93
C ARG A 89 -17.74 -2.38 -2.17
N HIS A 90 -18.58 -3.26 -2.69
CA HIS A 90 -18.80 -4.56 -2.07
C HIS A 90 -17.53 -5.44 -2.05
N VAL A 91 -16.85 -5.55 -3.20
CA VAL A 91 -15.67 -6.42 -3.25
C VAL A 91 -14.46 -5.89 -2.50
N THR A 92 -14.37 -4.57 -2.38
CA THR A 92 -13.27 -3.97 -1.62
C THR A 92 -13.72 -3.54 -0.23
N GLY A 93 -14.94 -3.92 0.15
CA GLY A 93 -15.55 -3.43 1.38
C GLY A 93 -15.66 -4.36 2.58
N ASP A 94 -15.13 -5.57 2.46
CA ASP A 94 -15.04 -6.46 3.62
C ASP A 94 -13.98 -5.84 4.54
N SER A 95 -14.42 -5.31 5.68
CA SER A 95 -13.53 -4.57 6.59
C SER A 95 -12.31 -5.39 7.02
N GLN A 96 -12.50 -6.69 7.14
CA GLN A 96 -11.40 -7.58 7.53
C GLN A 96 -10.37 -7.74 6.40
N LEU A 97 -10.85 -7.93 5.17
CA LEU A 97 -9.95 -7.95 4.03
C LEU A 97 -9.32 -6.56 3.79
N ARG A 98 -10.03 -5.50 4.15
CA ARG A 98 -9.48 -4.13 4.09
C ARG A 98 -8.27 -3.97 4.98
N TRP A 99 -8.30 -4.61 6.15
CA TRP A 99 -7.17 -4.54 7.07
C TRP A 99 -5.84 -4.93 6.39
N ILE A 100 -5.92 -5.86 5.44
CA ILE A 100 -4.74 -6.39 4.74
C ILE A 100 -4.21 -5.36 3.72
N GLY A 101 -5.04 -4.36 3.42
CA GLY A 101 -4.66 -3.26 2.55
C GLY A 101 -4.57 -1.98 3.37
N PRO A 102 -5.57 -1.08 3.25
CA PRO A 102 -6.72 -1.19 2.33
C PRO A 102 -6.39 -0.68 0.94
N ASP A 103 -6.95 -1.32 -0.09
CA ASP A 103 -6.72 -0.92 -1.48
C ASP A 103 -5.24 -0.73 -1.81
N LYS A 104 -4.42 -1.70 -1.45
CA LYS A 104 -3.00 -1.70 -1.80
C LYS A 104 -2.44 -3.10 -1.60
N GLY A 105 -1.29 -3.39 -2.21
CA GLY A 105 -0.64 -4.67 -1.99
C GLY A 105 -1.43 -5.85 -2.55
N ALA A 106 -1.17 -7.03 -2.00
CA ALA A 106 -1.76 -8.27 -2.53
C ALA A 106 -3.30 -8.25 -2.67
N ILE A 107 -3.98 -7.69 -1.68
CA ILE A 107 -5.44 -7.72 -1.67
C ILE A 107 -5.99 -6.89 -2.84
N HIS A 108 -5.28 -5.83 -3.22
CA HIS A 108 -5.77 -4.95 -4.28
C HIS A 108 -5.38 -5.47 -5.68
N LEU A 109 -4.16 -5.98 -5.82
CA LEU A 109 -3.79 -6.76 -7.01
C LEU A 109 -4.87 -7.82 -7.28
N ALA A 110 -5.26 -8.56 -6.25
CA ALA A 110 -6.28 -9.59 -6.40
C ALA A 110 -7.62 -8.98 -6.82
N ALA A 111 -7.94 -7.80 -6.28
CA ALA A 111 -9.16 -7.10 -6.63
C ALA A 111 -9.18 -6.75 -8.12
N GLY A 112 -8.02 -6.32 -8.63
CA GLY A 112 -7.88 -6.03 -10.05
C GLY A 112 -8.20 -7.23 -10.91
N ALA A 113 -7.68 -8.40 -10.55
CA ALA A 113 -7.98 -9.60 -11.31
C ALA A 113 -9.48 -9.91 -11.27
N VAL A 114 -10.06 -9.86 -10.08
CA VAL A 114 -11.47 -10.23 -9.91
C VAL A 114 -12.40 -9.21 -10.57
N VAL A 115 -12.11 -7.92 -10.37
CA VAL A 115 -12.93 -6.89 -10.99
C VAL A 115 -12.88 -7.02 -12.53
N ASN A 116 -11.69 -7.15 -13.09
CA ASN A 116 -11.58 -7.27 -14.54
C ASN A 116 -12.19 -8.55 -15.10
N ALA A 117 -12.13 -9.63 -14.32
CA ALA A 117 -12.76 -10.87 -14.73
C ALA A 117 -14.26 -10.68 -14.88
N VAL A 118 -14.84 -9.87 -14.00
CA VAL A 118 -16.27 -9.57 -14.11
C VAL A 118 -16.54 -8.78 -15.39
N TRP A 119 -15.67 -7.84 -15.70
CA TRP A 119 -15.79 -7.08 -16.95
C TRP A 119 -15.71 -7.98 -18.17
N ASP A 120 -14.80 -8.94 -18.14
CA ASP A 120 -14.66 -9.92 -19.21
C ASP A 120 -15.98 -10.67 -19.43
N LEU A 121 -16.60 -11.10 -18.33
CA LEU A 121 -17.84 -11.85 -18.39
C LEU A 121 -18.99 -10.99 -18.94
N TRP A 122 -19.11 -9.77 -18.43
CA TRP A 122 -20.14 -8.83 -18.90
C TRP A 122 -20.00 -8.59 -20.40
N ALA A 123 -18.79 -8.30 -20.85
CA ALA A 123 -18.54 -8.04 -22.26
C ALA A 123 -18.87 -9.25 -23.14
N LYS A 124 -18.52 -10.44 -22.68
CA LYS A 124 -18.85 -11.68 -23.41
C LYS A 124 -20.37 -11.86 -23.51
N ASP A 125 -21.06 -11.57 -22.42
CA ASP A 125 -22.49 -11.76 -22.38
C ASP A 125 -23.24 -10.85 -23.37
N THR A 126 -22.71 -9.66 -23.60
CA THR A 126 -23.36 -8.74 -24.53
C THR A 126 -22.74 -8.76 -25.93
N GLY A 127 -21.61 -9.44 -26.09
CA GLY A 127 -21.02 -9.61 -27.41
C GLY A 127 -20.19 -8.42 -27.90
N LYS A 128 -19.47 -7.77 -27.00
CA LYS A 128 -18.68 -6.60 -27.36
C LYS A 128 -17.31 -6.66 -26.67
N PRO A 129 -16.29 -6.07 -27.30
CA PRO A 129 -15.02 -5.86 -26.58
C PRO A 129 -15.31 -4.91 -25.44
N VAL A 130 -14.55 -4.99 -24.35
CA VAL A 130 -14.79 -4.15 -23.18
C VAL A 130 -14.80 -2.67 -23.50
N TRP A 131 -13.87 -2.20 -24.34
CA TRP A 131 -13.82 -0.77 -24.64
C TRP A 131 -15.14 -0.25 -25.24
N ARG A 132 -15.76 -1.05 -26.09
CA ARG A 132 -16.99 -0.62 -26.74
C ARG A 132 -18.19 -0.77 -25.81
N LEU A 133 -18.18 -1.82 -25.01
CA LEU A 133 -19.18 -2.01 -23.97
C LEU A 133 -19.28 -0.75 -23.13
N VAL A 134 -18.13 -0.22 -22.72
CA VAL A 134 -18.11 1.00 -21.91
C VAL A 134 -18.36 2.27 -22.74
N ALA A 135 -17.78 2.34 -23.93
CA ALA A 135 -17.97 3.51 -24.81
C ALA A 135 -19.42 3.75 -25.22
N ASP A 136 -20.21 2.68 -25.34
CA ASP A 136 -21.63 2.80 -25.72
C ASP A 136 -22.50 3.27 -24.55
N MET A 137 -21.92 3.35 -23.36
CA MET A 137 -22.68 3.78 -22.20
C MET A 137 -22.91 5.29 -22.19
N SER A 138 -24.06 5.71 -21.69
CA SER A 138 -24.34 7.12 -21.48
C SER A 138 -23.40 7.65 -20.39
N PRO A 139 -23.25 8.98 -20.30
CA PRO A 139 -22.42 9.54 -19.23
C PRO A 139 -22.87 9.09 -17.84
N ALA A 140 -24.17 9.01 -17.57
CA ALA A 140 -24.63 8.59 -16.26
C ALA A 140 -24.32 7.13 -15.96
N GLU A 141 -24.40 6.29 -16.99
CA GLU A 141 -24.12 4.86 -16.81
C GLU A 141 -22.64 4.62 -16.53
N ILE A 142 -21.76 5.41 -17.14
CA ILE A 142 -20.34 5.30 -16.86
C ILE A 142 -20.05 5.80 -15.43
N LEU A 143 -20.67 6.93 -15.07
CA LEU A 143 -20.52 7.47 -13.73
C LEU A 143 -20.89 6.42 -12.68
N ARG A 144 -21.92 5.65 -13.00
CA ARG A 144 -22.44 4.64 -12.08
C ARG A 144 -21.45 3.52 -11.78
N LEU A 145 -20.47 3.36 -12.67
CA LEU A 145 -19.45 2.31 -12.53
C LEU A 145 -18.46 2.60 -11.40
N ILE A 146 -18.36 3.86 -11.01
CA ILE A 146 -17.26 4.27 -10.14
C ILE A 146 -17.64 4.48 -8.68
N ASP A 147 -16.78 3.99 -7.79
CA ASP A 147 -16.89 4.25 -6.36
C ASP A 147 -15.99 5.46 -6.06
N PHE A 148 -16.62 6.57 -5.68
CA PHE A 148 -15.88 7.82 -5.48
C PHE A 148 -15.33 8.01 -4.06
N ARG A 149 -15.44 7.01 -3.20
CA ARG A 149 -15.00 7.19 -1.82
C ARG A 149 -13.52 7.58 -1.77
N TYR A 150 -13.24 8.63 -1.02
CA TYR A 150 -11.89 9.20 -0.87
C TYR A 150 -11.41 9.99 -2.10
N LEU A 151 -12.36 10.36 -2.98
CA LEU A 151 -12.03 11.21 -4.13
C LEU A 151 -12.67 12.59 -4.09
N THR A 152 -13.72 12.77 -3.29
CA THR A 152 -14.60 13.94 -3.43
C THR A 152 -13.98 15.31 -3.16
N ASP A 153 -12.81 15.34 -2.52
CA ASP A 153 -12.19 16.62 -2.24
C ASP A 153 -11.46 17.15 -3.48
N VAL A 154 -11.24 16.29 -4.47
CA VAL A 154 -10.69 16.74 -5.75
C VAL A 154 -11.62 16.46 -6.95
N LEU A 155 -12.35 15.35 -6.90
CA LEU A 155 -13.34 15.06 -7.94
C LEU A 155 -14.56 14.38 -7.34
N ALA A 156 -15.64 15.14 -7.23
CA ALA A 156 -16.91 14.59 -6.76
C ALA A 156 -17.72 14.12 -7.96
N PRO A 157 -18.73 13.25 -7.73
CA PRO A 157 -19.55 12.72 -8.82
C PRO A 157 -20.14 13.79 -9.74
N GLU A 158 -20.55 14.93 -9.19
CA GLU A 158 -21.11 16.01 -9.99
C GLU A 158 -20.12 16.45 -11.07
N GLU A 159 -18.89 16.77 -10.67
CA GLU A 159 -17.90 17.26 -11.61
C GLU A 159 -17.45 16.17 -12.59
N ALA A 160 -17.36 14.92 -12.12
CA ALA A 160 -17.06 13.81 -13.01
C ALA A 160 -18.14 13.68 -14.10
N LEU A 161 -19.39 13.93 -13.73
CA LEU A 161 -20.48 13.80 -14.68
C LEU A 161 -20.40 14.88 -15.75
N ASP A 162 -20.06 16.10 -15.33
CA ASP A 162 -19.87 17.21 -16.27
C ASP A 162 -18.82 16.86 -17.30
N LEU A 163 -17.73 16.25 -16.85
CA LEU A 163 -16.66 15.82 -17.74
C LEU A 163 -17.17 14.80 -18.74
N LEU A 164 -17.93 13.83 -18.24
CA LEU A 164 -18.43 12.75 -19.07
C LEU A 164 -19.45 13.26 -20.07
N LYS A 165 -20.33 14.14 -19.60
CA LYS A 165 -21.35 14.74 -20.48
C LYS A 165 -20.71 15.58 -21.58
N ALA A 166 -19.67 16.33 -21.22
CA ALA A 166 -18.96 17.15 -22.20
C ALA A 166 -18.27 16.34 -23.30
N ALA A 167 -17.85 15.12 -22.97
CA ALA A 167 -17.20 14.24 -23.95
C ALA A 167 -18.21 13.52 -24.84
N GLU A 168 -19.48 13.52 -24.43
CA GLU A 168 -20.48 12.70 -25.09
C GLU A 168 -20.77 12.99 -26.57
N PRO A 169 -20.93 14.27 -26.94
CA PRO A 169 -21.31 14.50 -28.34
C PRO A 169 -20.28 14.03 -29.37
N GLY A 170 -19.00 14.02 -29.02
CA GLY A 170 -17.97 13.64 -29.97
C GLY A 170 -17.65 12.14 -30.01
N LYS A 171 -18.45 11.33 -29.31
CA LYS A 171 -18.15 9.91 -29.21
C LYS A 171 -18.17 9.18 -30.57
N GLU A 172 -19.23 9.42 -31.34
CA GLU A 172 -19.42 8.76 -32.63
C GLU A 172 -18.22 9.01 -33.56
N GLU A 173 -17.77 10.26 -33.63
CA GLU A 173 -16.62 10.61 -34.45
C GLU A 173 -15.36 9.90 -34.00
N ARG A 174 -15.12 9.88 -32.69
CA ARG A 174 -13.89 9.29 -32.16
C ARG A 174 -13.86 7.78 -32.35
N ILE A 175 -15.02 7.15 -32.24
CA ILE A 175 -15.11 5.72 -32.48
C ILE A 175 -14.71 5.43 -33.93
N ALA A 176 -15.26 6.22 -34.84
CA ALA A 176 -14.92 6.11 -36.26
C ALA A 176 -13.42 6.26 -36.45
N ARG A 177 -12.87 7.27 -35.81
CA ARG A 177 -11.45 7.61 -35.94
C ARG A 177 -10.57 6.50 -35.34
N LEU A 178 -11.02 5.90 -34.26
CA LEU A 178 -10.32 4.78 -33.63
C LEU A 178 -10.29 3.56 -34.56
N ILE A 179 -11.43 3.28 -35.18
CA ILE A 179 -11.54 2.16 -36.14
C ILE A 179 -10.58 2.38 -37.31
N GLU A 180 -10.54 3.61 -37.81
CA GLU A 180 -9.60 4.03 -38.85
C GLU A 180 -8.12 4.00 -38.46
N GLU A 181 -7.81 4.54 -37.29
CA GLU A 181 -6.43 4.90 -36.96
C GLU A 181 -5.78 4.07 -35.87
N GLY A 182 -6.59 3.38 -35.07
CA GLY A 182 -6.08 2.75 -33.87
C GLY A 182 -5.62 3.77 -32.83
N TYR A 183 -4.86 3.31 -31.84
CA TYR A 183 -4.37 4.18 -30.77
C TYR A 183 -2.85 4.06 -30.70
N PRO A 184 -2.14 5.18 -30.87
CA PRO A 184 -0.68 5.13 -30.94
C PRO A 184 -0.07 4.55 -29.68
N CYS A 185 1.04 3.85 -29.87
CA CYS A 185 1.72 3.24 -28.74
C CYS A 185 3.22 3.37 -28.88
N TYR A 186 3.92 3.22 -27.75
CA TYR A 186 5.37 3.22 -27.74
C TYR A 186 5.89 1.86 -27.33
N THR A 187 7.13 1.56 -27.71
CA THR A 187 7.72 0.26 -27.39
C THR A 187 8.88 0.35 -26.39
N THR A 188 8.89 -0.59 -25.47
CA THR A 188 9.94 -0.72 -24.46
C THR A 188 10.78 -1.96 -24.80
N SER A 189 10.42 -2.62 -25.90
CA SER A 189 11.02 -3.92 -26.22
C SER A 189 12.50 -3.85 -26.62
N ALA A 190 13.00 -2.68 -26.97
CA ALA A 190 14.43 -2.52 -27.22
C ALA A 190 15.21 -2.14 -25.96
N GLY A 191 14.50 -1.82 -24.88
CA GLY A 191 15.12 -1.11 -23.77
C GLY A 191 15.49 -1.85 -22.50
N TRP A 192 15.31 -3.18 -22.48
CA TRP A 192 15.58 -3.95 -21.26
C TRP A 192 17.06 -3.90 -20.88
N LEU A 193 17.27 -3.75 -19.58
CA LEU A 193 18.59 -3.45 -19.04
C LEU A 193 19.64 -4.53 -19.29
N GLY A 194 19.19 -5.79 -19.42
CA GLY A 194 20.13 -6.88 -19.53
C GLY A 194 20.68 -7.14 -20.92
N TYR A 195 20.01 -6.60 -21.95
CA TYR A 195 20.39 -6.84 -23.34
C TYR A 195 21.82 -6.38 -23.64
N SER A 196 22.51 -7.09 -24.52
CA SER A 196 23.83 -6.68 -24.97
C SER A 196 23.68 -5.46 -25.89
N ASP A 197 24.79 -4.80 -26.17
CA ASP A 197 24.77 -3.61 -27.01
C ASP A 197 24.35 -3.97 -28.44
N GLU A 198 24.86 -5.10 -28.92
CA GLU A 198 24.58 -5.58 -30.25
C GLU A 198 23.07 -5.77 -30.43
N LYS A 199 22.45 -6.41 -29.45
CA LYS A 199 21.02 -6.66 -29.43
C LYS A 199 20.24 -5.35 -29.29
N LEU A 200 20.78 -4.44 -28.49
CA LEU A 200 20.23 -3.09 -28.35
C LEU A 200 20.13 -2.41 -29.72
N ARG A 201 21.22 -2.48 -30.49
CA ARG A 201 21.29 -1.85 -31.80
C ARG A 201 20.26 -2.44 -32.76
N ARG A 202 20.23 -3.76 -32.84
CA ARG A 202 19.27 -4.44 -33.71
C ARG A 202 17.84 -4.07 -33.35
N LEU A 203 17.51 -4.12 -32.06
CA LEU A 203 16.16 -3.83 -31.62
C LEU A 203 15.78 -2.37 -31.86
N CYS A 204 16.73 -1.46 -31.67
CA CYS A 204 16.48 -0.05 -31.99
C CYS A 204 16.15 0.11 -33.48
N ARG A 205 16.94 -0.52 -34.33
CA ARG A 205 16.69 -0.46 -35.77
C ARG A 205 15.31 -0.99 -36.14
N GLU A 206 14.89 -2.08 -35.48
CA GLU A 206 13.59 -2.66 -35.74
C GLU A 206 12.46 -1.73 -35.28
N ALA A 207 12.65 -1.09 -34.13
CA ALA A 207 11.65 -0.16 -33.60
C ALA A 207 11.49 1.04 -34.53
N ARG A 208 12.60 1.53 -35.05
CA ARG A 208 12.56 2.67 -35.96
C ARG A 208 11.89 2.30 -37.28
N ALA A 209 12.19 1.10 -37.79
CA ALA A 209 11.64 0.66 -39.08
C ALA A 209 10.13 0.50 -38.98
N ALA A 210 9.67 -0.02 -37.85
CA ALA A 210 8.27 -0.34 -37.65
C ALA A 210 7.39 0.91 -37.57
N GLY A 211 8.00 2.08 -37.44
CA GLY A 211 7.27 3.33 -37.39
C GLY A 211 6.88 3.81 -35.98
N PHE A 212 7.42 3.21 -34.92
CA PHE A 212 7.22 3.79 -33.59
C PHE A 212 7.89 5.17 -33.62
N THR A 213 7.29 6.15 -32.95
CA THR A 213 7.87 7.49 -32.88
C THR A 213 8.43 7.74 -31.47
N HIS A 214 8.19 6.75 -30.61
CA HIS A 214 8.53 6.82 -29.19
C HIS A 214 9.10 5.48 -28.78
N THR A 215 10.25 5.49 -28.09
CA THR A 215 10.88 4.25 -27.64
C THR A 215 11.44 4.48 -26.22
N LYS A 216 11.25 3.50 -25.34
CA LYS A 216 11.66 3.66 -23.94
C LYS A 216 12.80 2.73 -23.56
N PHE A 217 13.69 3.21 -22.71
CA PHE A 217 14.85 2.44 -22.28
C PHE A 217 14.98 2.40 -20.76
N LYS A 218 15.39 1.26 -20.26
CA LYS A 218 15.66 1.13 -18.83
C LYS A 218 17.01 1.75 -18.49
N VAL A 219 17.06 2.44 -17.35
CA VAL A 219 18.28 3.07 -16.83
C VAL A 219 18.28 2.87 -15.32
N GLY A 220 19.39 3.25 -14.68
CA GLY A 220 19.38 3.37 -13.24
C GLY A 220 20.29 2.43 -12.48
N ARG A 221 20.89 1.45 -13.15
CA ARG A 221 21.78 0.51 -12.46
C ARG A 221 23.22 1.00 -12.43
N ASP A 222 23.71 1.48 -13.57
CA ASP A 222 25.07 1.98 -13.69
C ASP A 222 25.07 3.17 -14.65
N LEU A 223 25.60 4.30 -14.20
CA LEU A 223 25.54 5.55 -14.96
C LEU A 223 26.29 5.46 -16.29
N SER A 224 27.49 4.89 -16.24
CA SER A 224 28.31 4.67 -17.42
C SER A 224 27.57 3.85 -18.46
N ASP A 225 26.86 2.80 -18.02
CA ASP A 225 26.09 1.97 -18.93
C ASP A 225 25.00 2.81 -19.59
N ASP A 226 24.28 3.59 -18.77
CA ASP A 226 23.20 4.44 -19.25
C ASP A 226 23.71 5.43 -20.29
N ILE A 227 24.81 6.10 -20.00
CA ILE A 227 25.39 7.05 -20.95
C ILE A 227 25.71 6.35 -22.27
N ARG A 228 26.32 5.17 -22.20
CA ARG A 228 26.73 4.45 -23.42
C ARG A 228 25.52 3.94 -24.22
N ARG A 229 24.57 3.31 -23.52
CA ARG A 229 23.40 2.74 -24.15
C ARG A 229 22.53 3.79 -24.83
N LEU A 230 22.38 4.94 -24.16
CA LEU A 230 21.56 6.03 -24.70
C LEU A 230 22.24 6.69 -25.89
N THR A 231 23.56 6.82 -25.82
CA THR A 231 24.33 7.29 -26.97
C THR A 231 24.13 6.37 -28.18
N ILE A 232 24.18 5.07 -27.93
CA ILE A 232 23.93 4.08 -28.97
C ILE A 232 22.49 4.17 -29.48
N ALA A 233 21.54 4.29 -28.55
CA ALA A 233 20.13 4.35 -28.90
C ALA A 233 19.86 5.53 -29.83
N ARG A 234 20.36 6.71 -29.48
CA ARG A 234 20.14 7.89 -30.30
C ARG A 234 20.74 7.69 -31.69
N GLU A 235 21.91 7.05 -31.71
CA GLU A 235 22.61 6.78 -32.95
C GLU A 235 21.77 5.90 -33.87
N GLU A 236 21.19 4.84 -33.31
CA GLU A 236 20.45 3.90 -34.13
C GLU A 236 19.02 4.38 -34.43
N LEU A 237 18.42 5.08 -33.48
CA LEU A 237 17.00 5.44 -33.61
C LEU A 237 16.82 6.66 -34.48
N GLY A 238 17.84 7.51 -34.53
CA GLY A 238 17.78 8.75 -35.30
C GLY A 238 17.34 9.94 -34.47
N GLU A 239 17.41 11.12 -35.06
CA GLU A 239 17.06 12.35 -34.35
C GLU A 239 15.54 12.56 -34.15
N ASP A 240 14.72 12.10 -35.08
CA ASP A 240 13.28 12.28 -34.96
C ASP A 240 12.64 11.43 -33.86
N MET A 241 13.34 10.39 -33.42
CA MET A 241 12.77 9.51 -32.41
C MET A 241 12.66 10.19 -31.05
N ASN A 242 11.54 9.94 -30.37
CA ASN A 242 11.41 10.36 -28.98
C ASN A 242 11.91 9.25 -28.10
N ILE A 243 12.86 9.56 -27.22
CA ILE A 243 13.40 8.57 -26.30
C ILE A 243 12.87 8.88 -24.90
N MET A 244 12.43 7.84 -24.18
CA MET A 244 12.10 8.00 -22.77
C MET A 244 12.96 7.05 -21.96
N ILE A 245 13.07 7.32 -20.67
CA ILE A 245 13.86 6.47 -19.76
C ILE A 245 13.07 6.11 -18.48
N ASP A 246 13.38 4.93 -17.92
CA ASP A 246 12.64 4.36 -16.79
C ASP A 246 13.65 3.82 -15.77
N ALA A 247 13.61 4.35 -14.55
CA ALA A 247 14.57 3.99 -13.51
C ALA A 247 14.02 2.96 -12.52
N ASN A 248 12.75 2.63 -12.68
CA ASN A 248 12.11 1.64 -11.83
C ASN A 248 12.27 1.84 -10.31
N GLN A 249 12.18 3.10 -9.87
CA GLN A 249 12.11 3.49 -8.46
C GLN A 249 13.44 3.54 -7.68
N VAL A 250 14.56 3.29 -8.34
CA VAL A 250 15.79 2.96 -7.58
C VAL A 250 16.48 4.11 -6.85
N TRP A 251 16.19 5.35 -7.21
CA TRP A 251 16.97 6.50 -6.71
C TRP A 251 16.34 7.23 -5.52
N GLU A 252 17.20 7.88 -4.74
CA GLU A 252 16.80 8.96 -3.82
C GLU A 252 16.47 10.18 -4.67
N VAL A 253 15.80 11.16 -4.07
CA VAL A 253 15.42 12.39 -4.77
C VAL A 253 16.63 13.13 -5.33
N ASP A 254 17.64 13.37 -4.50
CA ASP A 254 18.80 14.14 -4.94
C ASP A 254 19.61 13.39 -6.00
N GLU A 255 19.75 12.09 -5.77
CA GLU A 255 20.39 11.17 -6.72
C GLU A 255 19.69 11.12 -8.08
N ALA A 256 18.36 11.10 -8.05
CA ALA A 256 17.58 11.06 -9.29
C ALA A 256 17.82 12.32 -10.14
N ILE A 257 17.85 13.47 -9.47
CA ILE A 257 18.03 14.72 -10.17
C ILE A 257 19.39 14.78 -10.87
N ASP A 258 20.43 14.39 -10.16
CA ASP A 258 21.78 14.39 -10.75
C ASP A 258 21.94 13.38 -11.89
N TRP A 259 21.38 12.20 -11.72
CA TRP A 259 21.54 11.12 -12.68
C TRP A 259 20.78 11.40 -13.97
N VAL A 260 19.52 11.81 -13.89
CA VAL A 260 18.83 12.12 -15.13
C VAL A 260 19.33 13.39 -15.80
N ASN A 261 19.76 14.37 -15.01
CA ASN A 261 20.36 15.56 -15.61
C ASN A 261 21.62 15.21 -16.39
N ARG A 262 22.37 14.22 -15.92
CA ARG A 262 23.56 13.74 -16.64
C ARG A 262 23.19 13.06 -17.98
N LEU A 263 21.95 12.62 -18.10
CA LEU A 263 21.50 11.93 -19.31
C LEU A 263 20.79 12.88 -20.27
N ALA A 264 20.82 14.18 -19.94
CA ALA A 264 20.11 15.20 -20.70
C ALA A 264 20.49 15.21 -22.18
N PHE A 265 21.75 14.91 -22.47
CA PHE A 265 22.23 14.90 -23.86
C PHE A 265 21.37 14.00 -24.76
N ALA A 266 20.73 12.99 -24.17
CA ALA A 266 19.98 12.03 -24.96
C ALA A 266 18.58 12.54 -25.26
N ARG A 267 18.24 13.68 -24.68
CA ARG A 267 16.92 14.31 -24.83
C ARG A 267 15.75 13.40 -24.43
N PRO A 268 15.79 12.85 -23.19
CA PRO A 268 14.66 12.01 -22.78
C PRO A 268 13.40 12.86 -22.61
N LEU A 269 12.28 12.35 -23.11
CA LEU A 269 11.01 13.05 -22.98
C LEU A 269 10.63 13.12 -21.51
N PHE A 270 10.78 11.97 -20.85
CA PHE A 270 10.53 11.91 -19.42
C PHE A 270 11.41 10.91 -18.75
N ILE A 271 11.59 11.08 -17.43
CA ILE A 271 12.08 10.00 -16.58
C ILE A 271 10.88 9.38 -15.87
N GLU A 272 10.78 8.05 -15.95
CA GLU A 272 9.70 7.30 -15.32
C GLU A 272 10.15 6.67 -14.00
N GLU A 273 9.29 6.73 -13.00
CA GLU A 273 9.58 6.20 -11.66
C GLU A 273 11.02 6.50 -11.17
N PRO A 274 11.38 7.79 -11.10
CA PRO A 274 12.73 8.09 -10.63
C PRO A 274 12.90 7.67 -9.16
N THR A 275 11.80 7.56 -8.42
CA THR A 275 11.90 7.13 -7.03
C THR A 275 10.68 6.32 -6.57
N SER A 276 10.59 6.07 -5.27
CA SER A 276 9.51 5.25 -4.69
C SER A 276 8.13 5.63 -5.20
N PRO A 277 7.29 4.63 -5.50
CA PRO A 277 5.98 4.95 -6.09
C PRO A 277 5.02 5.56 -5.08
N ASP A 278 5.43 5.68 -3.82
CA ASP A 278 4.59 6.30 -2.80
C ASP A 278 4.95 7.75 -2.55
N ASP A 279 6.05 8.19 -3.16
CA ASP A 279 6.61 9.50 -2.79
C ASP A 279 6.07 10.60 -3.70
N VAL A 280 4.93 11.16 -3.33
CA VAL A 280 4.31 12.23 -4.08
C VAL A 280 5.17 13.50 -4.01
N LEU A 281 5.56 13.89 -2.80
CA LEU A 281 6.36 15.09 -2.64
C LEU A 281 7.74 14.93 -3.28
N GLY A 282 8.31 13.73 -3.16
CA GLY A 282 9.59 13.45 -3.78
C GLY A 282 9.55 13.54 -5.31
N HIS A 283 8.53 12.95 -5.94
CA HIS A 283 8.36 13.12 -7.39
C HIS A 283 8.26 14.59 -7.77
N LYS A 284 7.50 15.36 -6.99
CA LYS A 284 7.36 16.78 -7.24
C LYS A 284 8.72 17.50 -7.18
N ALA A 285 9.52 17.20 -6.16
CA ALA A 285 10.87 17.78 -6.06
C ALA A 285 11.77 17.37 -7.24
N ILE A 286 11.69 16.10 -7.64
CA ILE A 286 12.48 15.62 -8.79
C ILE A 286 12.07 16.34 -10.07
N ARG A 287 10.75 16.47 -10.25
CA ARG A 287 10.20 17.16 -11.39
C ARG A 287 10.75 18.59 -11.53
N GLU A 288 10.86 19.30 -10.40
CA GLU A 288 11.46 20.63 -10.40
C GLU A 288 12.95 20.61 -10.74
N GLY A 289 13.65 19.60 -10.24
CA GLY A 289 15.08 19.52 -10.43
C GLY A 289 15.52 19.10 -11.83
N VAL A 290 14.72 18.31 -12.52
CA VAL A 290 15.12 17.81 -13.83
C VAL A 290 14.47 18.54 -15.02
N ALA A 291 13.72 19.60 -14.73
CA ALA A 291 13.09 20.41 -15.78
C ALA A 291 14.12 20.78 -16.84
N PRO A 292 13.75 20.67 -18.13
CA PRO A 292 12.40 20.46 -18.66
C PRO A 292 12.01 19.00 -18.83
N ILE A 293 12.91 18.07 -18.52
CA ILE A 293 12.58 16.65 -18.61
C ILE A 293 11.35 16.35 -17.75
N LYS A 294 10.37 15.66 -18.33
CA LYS A 294 9.10 15.40 -17.64
C LYS A 294 9.23 14.25 -16.65
N VAL A 295 8.30 14.18 -15.71
CA VAL A 295 8.27 13.08 -14.76
C VAL A 295 7.01 12.23 -14.98
N ALA A 296 7.21 10.93 -15.10
CA ALA A 296 6.09 10.00 -15.24
C ALA A 296 6.19 9.00 -14.11
N THR A 297 5.04 8.54 -13.61
CA THR A 297 5.00 7.46 -12.64
C THR A 297 3.60 6.90 -12.62
N GLY A 298 3.44 5.73 -11.99
CA GLY A 298 2.10 5.22 -11.73
C GLY A 298 1.86 3.73 -11.84
N GLU A 299 2.78 2.99 -12.45
CA GLU A 299 2.55 1.57 -12.69
C GLU A 299 2.36 0.78 -11.39
N MET A 300 2.96 1.27 -10.30
CA MET A 300 2.75 0.68 -8.99
C MET A 300 1.98 1.62 -8.06
N CYS A 301 1.42 2.69 -8.59
CA CYS A 301 0.64 3.58 -7.74
C CYS A 301 -0.56 2.78 -7.23
N GLN A 302 -0.71 2.70 -5.92
CA GLN A 302 -1.56 1.67 -5.31
C GLN A 302 -3.05 1.82 -5.57
N ASN A 303 -3.52 3.05 -5.66
CA ASN A 303 -4.96 3.30 -5.75
C ASN A 303 -5.28 4.73 -6.15
N ARG A 304 -6.58 5.03 -6.29
CA ARG A 304 -7.07 6.35 -6.69
C ARG A 304 -6.71 7.46 -5.71
N ILE A 305 -6.48 7.10 -4.46
CA ILE A 305 -6.18 8.09 -3.41
C ILE A 305 -4.77 8.63 -3.59
N MET A 306 -3.85 7.74 -3.93
CA MET A 306 -2.47 8.15 -4.19
C MET A 306 -2.41 8.90 -5.52
N PHE A 307 -3.08 8.36 -6.54
CA PHE A 307 -3.09 9.02 -7.86
C PHE A 307 -3.66 10.43 -7.76
N LYS A 308 -4.73 10.56 -6.99
CA LYS A 308 -5.40 11.84 -6.78
C LYS A 308 -4.42 12.88 -6.27
N GLN A 309 -3.58 12.48 -5.32
CA GLN A 309 -2.59 13.39 -4.75
C GLN A 309 -1.44 13.71 -5.72
N PHE A 310 -0.95 12.69 -6.41
CA PHE A 310 0.07 12.91 -7.44
C PHE A 310 -0.40 13.97 -8.44
N ILE A 311 -1.63 13.79 -8.93
CA ILE A 311 -2.20 14.68 -9.93
C ILE A 311 -2.49 16.08 -9.39
N ALA A 312 -3.26 16.15 -8.31
CA ALA A 312 -3.65 17.45 -7.76
C ALA A 312 -2.47 18.29 -7.29
N SER A 313 -1.39 17.66 -6.87
CA SER A 313 -0.24 18.40 -6.36
C SER A 313 0.74 18.77 -7.46
N GLY A 314 0.46 18.35 -8.68
CA GLY A 314 1.39 18.59 -9.78
C GLY A 314 2.73 17.90 -9.60
N ALA A 315 2.71 16.67 -9.07
CA ALA A 315 3.94 15.89 -8.88
C ALA A 315 4.43 15.14 -10.12
N LEU A 316 3.60 15.11 -11.17
CA LEU A 316 3.94 14.38 -12.38
C LEU A 316 3.34 15.03 -13.61
N ASP A 317 3.92 14.71 -14.77
CA ASP A 317 3.46 15.22 -16.06
C ASP A 317 2.64 14.16 -16.80
N ILE A 318 2.98 12.91 -16.56
CA ILE A 318 2.37 11.80 -17.28
C ILE A 318 1.88 10.72 -16.32
N VAL A 319 0.59 10.42 -16.42
CA VAL A 319 -0.08 9.50 -15.50
C VAL A 319 -0.05 8.11 -16.09
N GLN A 320 0.66 7.20 -15.43
CA GLN A 320 0.81 5.85 -15.97
C GLN A 320 0.02 4.80 -15.19
N ILE A 321 -1.29 4.75 -15.43
CA ILE A 321 -2.13 3.77 -14.75
C ILE A 321 -1.71 2.36 -15.14
N ASP A 322 -1.95 1.40 -14.25
CA ASP A 322 -1.77 0.01 -14.59
C ASP A 322 -3.13 -0.67 -14.53
N SER A 323 -3.34 -1.63 -15.42
CA SER A 323 -4.66 -2.24 -15.59
C SER A 323 -5.12 -3.10 -14.42
N CYS A 324 -4.17 -3.68 -13.68
CA CYS A 324 -4.56 -4.59 -12.60
C CYS A 324 -3.76 -4.43 -11.30
N ARG A 325 -2.99 -3.35 -11.21
CA ARG A 325 -2.37 -2.96 -9.95
C ARG A 325 -3.45 -2.49 -8.98
N MET A 326 -4.42 -1.74 -9.48
CA MET A 326 -5.48 -1.21 -8.64
C MET A 326 -6.74 -2.07 -8.76
N GLY A 327 -7.88 -1.55 -8.31
CA GLY A 327 -9.13 -2.30 -8.38
C GLY A 327 -9.74 -2.40 -9.78
N GLY A 328 -8.91 -2.77 -10.75
CA GLY A 328 -9.38 -3.03 -12.09
C GLY A 328 -9.93 -1.82 -12.81
N LEU A 329 -10.73 -2.07 -13.83
CA LEU A 329 -11.20 -1.02 -14.74
C LEU A 329 -11.90 0.14 -14.03
N ASN A 330 -12.77 -0.16 -13.07
CA ASN A 330 -13.55 0.90 -12.42
C ASN A 330 -12.65 1.96 -11.77
N GLU A 331 -11.60 1.53 -11.07
CA GLU A 331 -10.71 2.50 -10.42
C GLU A 331 -9.83 3.23 -11.45
N VAL A 332 -9.45 2.53 -12.52
CA VAL A 332 -8.70 3.19 -13.59
C VAL A 332 -9.53 4.33 -14.19
N LEU A 333 -10.80 4.09 -14.44
CA LEU A 333 -11.67 5.12 -15.01
C LEU A 333 -11.77 6.33 -14.07
N ALA A 334 -11.89 6.07 -12.76
CA ALA A 334 -11.85 7.14 -11.76
C ALA A 334 -10.61 8.03 -11.89
N VAL A 335 -9.44 7.39 -11.93
CA VAL A 335 -8.18 8.11 -12.12
C VAL A 335 -8.13 8.88 -13.46
N MET A 336 -8.62 8.25 -14.53
CA MET A 336 -8.67 8.92 -15.84
C MET A 336 -9.52 10.18 -15.80
N LEU A 337 -10.63 10.13 -15.08
CA LEU A 337 -11.46 11.32 -14.92
C LEU A 337 -10.75 12.40 -14.11
N VAL A 338 -10.02 12.01 -13.06
CA VAL A 338 -9.24 12.97 -12.28
C VAL A 338 -8.18 13.61 -13.18
N ALA A 339 -7.51 12.77 -13.97
CA ALA A 339 -6.51 13.25 -14.91
C ALA A 339 -7.12 14.21 -15.94
N ALA A 340 -8.33 13.88 -16.41
CA ALA A 340 -9.01 14.74 -17.37
C ALA A 340 -9.29 16.12 -16.74
N LYS A 341 -9.70 16.13 -15.49
CA LYS A 341 -9.92 17.40 -14.78
C LYS A 341 -8.69 18.29 -14.81
N TYR A 342 -7.52 17.67 -14.57
CA TYR A 342 -6.27 18.41 -14.50
C TYR A 342 -5.54 18.45 -15.84
N ASP A 343 -6.20 17.97 -16.88
CA ASP A 343 -5.62 17.98 -18.23
C ASP A 343 -4.21 17.37 -18.23
N LEU A 344 -4.06 16.23 -17.56
CA LEU A 344 -2.83 15.45 -17.60
C LEU A 344 -3.07 14.21 -18.45
N PRO A 345 -2.12 13.88 -19.32
CA PRO A 345 -2.33 12.72 -20.18
C PRO A 345 -2.08 11.40 -19.44
N VAL A 346 -2.82 10.37 -19.84
CA VAL A 346 -2.65 9.03 -19.27
C VAL A 346 -1.96 8.10 -20.29
N TRP A 347 -0.78 7.61 -19.94
CA TRP A 347 -0.04 6.66 -20.78
C TRP A 347 0.15 5.37 -19.99
N PRO A 348 -0.74 4.39 -20.21
CA PRO A 348 -0.72 3.21 -19.33
C PRO A 348 0.51 2.32 -19.45
N HIS A 349 0.88 1.73 -18.32
CA HIS A 349 1.92 0.71 -18.21
C HIS A 349 1.47 -0.57 -18.91
N ALA A 350 2.38 -1.24 -19.60
CA ALA A 350 2.03 -2.50 -20.29
C ALA A 350 3.15 -3.53 -20.21
N GLY A 351 4.12 -3.28 -19.33
CA GLY A 351 5.26 -4.16 -19.17
C GLY A 351 4.91 -5.39 -18.35
N GLY A 352 4.30 -6.38 -19.00
CA GLY A 352 3.94 -7.62 -18.32
C GLY A 352 3.00 -8.46 -19.14
N VAL A 353 2.80 -9.71 -18.71
CA VAL A 353 1.95 -10.66 -19.45
C VAL A 353 0.46 -10.28 -19.41
N GLY A 354 -0.10 -10.01 -20.58
CA GLY A 354 -1.51 -9.65 -20.69
C GLY A 354 -1.83 -8.19 -20.46
N LEU A 355 -0.83 -7.42 -20.04
CA LEU A 355 -1.07 -6.01 -19.70
C LEU A 355 -1.43 -5.20 -20.92
N CYS A 356 -0.76 -5.46 -22.04
CA CYS A 356 -1.09 -4.83 -23.33
C CYS A 356 -2.53 -5.13 -23.70
N GLU A 357 -2.90 -6.40 -23.52
CA GLU A 357 -4.24 -6.86 -23.85
C GLU A 357 -5.28 -6.08 -23.07
N TYR A 358 -4.98 -5.80 -21.80
CA TYR A 358 -5.87 -4.99 -20.96
C TYR A 358 -5.84 -3.51 -21.33
N VAL A 359 -4.67 -2.89 -21.31
CA VAL A 359 -4.62 -1.42 -21.37
C VAL A 359 -5.10 -0.81 -22.70
N GLN A 360 -5.04 -1.57 -23.77
CA GLN A 360 -5.56 -1.10 -25.05
C GLN A 360 -7.03 -0.70 -24.92
N HIS A 361 -7.81 -1.49 -24.17
CA HIS A 361 -9.24 -1.24 -23.99
C HIS A 361 -9.44 0.03 -23.18
N MET A 362 -8.59 0.20 -22.17
CA MET A 362 -8.79 1.26 -21.19
C MET A 362 -8.48 2.62 -21.78
N SER A 363 -7.41 2.71 -22.56
CA SER A 363 -7.07 3.98 -23.21
C SER A 363 -8.08 4.31 -24.30
N MET A 364 -8.65 3.29 -24.91
CA MET A 364 -9.65 3.56 -25.94
C MET A 364 -10.93 4.12 -25.34
N ILE A 365 -11.25 3.68 -24.12
CA ILE A 365 -12.37 4.25 -23.36
C ILE A 365 -12.08 5.71 -23.00
N ASP A 366 -10.85 5.94 -22.53
CA ASP A 366 -10.35 7.27 -22.23
C ASP A 366 -10.52 8.19 -23.44
N TYR A 367 -10.10 7.72 -24.59
CA TYR A 367 -10.21 8.52 -25.82
C TYR A 367 -11.65 8.79 -26.24
N VAL A 368 -12.47 7.75 -26.33
CA VAL A 368 -13.84 7.95 -26.82
C VAL A 368 -14.74 8.69 -25.84
N ALA A 369 -14.60 8.42 -24.55
CA ALA A 369 -15.65 8.82 -23.61
C ALA A 369 -15.23 9.76 -22.48
N ILE A 370 -13.93 9.99 -22.33
CA ILE A 370 -13.43 10.81 -21.23
C ILE A 370 -12.73 12.10 -21.69
N CYS A 371 -11.49 11.99 -22.16
CA CYS A 371 -10.70 13.18 -22.53
C CYS A 371 -10.71 13.51 -24.02
N GLY A 372 -11.13 12.57 -24.86
CA GLY A 372 -11.35 12.87 -26.27
C GLY A 372 -10.12 13.16 -27.11
N GLU A 373 -8.94 12.81 -26.60
CA GLU A 373 -7.70 13.08 -27.32
C GLU A 373 -6.76 11.87 -27.22
N LYS A 374 -6.18 11.46 -28.35
CA LYS A 374 -5.22 10.35 -28.33
C LYS A 374 -3.92 10.63 -29.08
N ASP A 375 -3.95 11.57 -30.04
CA ASP A 375 -2.81 11.81 -30.93
C ASP A 375 -1.48 12.08 -30.22
N SER A 376 -1.56 12.75 -29.09
CA SER A 376 -0.37 13.17 -28.36
C SER A 376 0.04 12.18 -27.28
N LYS A 377 -0.72 11.10 -27.15
CA LYS A 377 -0.45 10.11 -26.11
C LYS A 377 0.11 8.82 -26.69
N ARG A 378 0.71 7.99 -25.84
CA ARG A 378 1.21 6.69 -26.25
C ARG A 378 0.98 5.65 -25.16
N ILE A 379 0.25 4.59 -25.48
CA ILE A 379 0.13 3.44 -24.60
C ILE A 379 1.42 2.66 -24.68
N GLU A 380 1.91 2.14 -23.56
CA GLU A 380 3.09 1.30 -23.62
C GLU A 380 2.77 0.03 -24.41
N TYR A 381 3.76 -0.49 -25.11
CA TYR A 381 3.64 -1.79 -25.76
C TYR A 381 4.93 -2.57 -25.54
N VAL A 382 4.82 -3.88 -25.37
CA VAL A 382 5.98 -4.77 -25.40
C VAL A 382 5.56 -6.01 -26.17
N ASP A 383 6.49 -6.57 -26.92
CA ASP A 383 6.16 -7.72 -27.76
C ASP A 383 6.59 -9.02 -27.09
N HIS A 384 5.94 -9.37 -25.98
CA HIS A 384 6.26 -10.62 -25.28
C HIS A 384 4.99 -11.35 -24.93
N LEU A 385 4.97 -12.67 -25.13
CA LEU A 385 3.96 -13.57 -24.58
C LEU A 385 2.56 -13.46 -25.21
N HIS A 386 2.40 -12.66 -26.27
CA HIS A 386 1.09 -12.53 -26.90
C HIS A 386 0.56 -13.83 -27.50
N GLU A 387 1.44 -14.80 -27.73
CA GLU A 387 1.02 -16.06 -28.33
C GLU A 387 0.19 -16.90 -27.36
N HIS A 388 0.06 -16.47 -26.12
CA HIS A 388 -0.69 -17.24 -25.14
C HIS A 388 -2.16 -16.84 -25.06
N PHE A 389 -2.52 -15.81 -25.81
CA PHE A 389 -3.86 -15.26 -25.72
C PHE A 389 -4.75 -15.64 -26.89
N LYS A 390 -6.02 -15.92 -26.62
CA LYS A 390 -6.95 -16.23 -27.70
C LYS A 390 -7.14 -15.05 -28.64
N HIS A 391 -7.16 -13.84 -28.09
CA HIS A 391 -7.29 -12.63 -28.90
C HIS A 391 -6.23 -11.62 -28.50
N PRO A 392 -4.98 -11.86 -28.92
CA PRO A 392 -3.89 -10.96 -28.51
C PRO A 392 -4.09 -9.58 -29.09
N CYS A 393 -3.44 -8.58 -28.50
CA CYS A 393 -3.43 -7.25 -29.09
C CYS A 393 -2.75 -7.31 -30.48
N ILE A 394 -3.12 -6.37 -31.34
CA ILE A 394 -2.54 -6.29 -32.66
C ILE A 394 -1.95 -4.89 -32.85
N VAL A 395 -0.65 -4.83 -33.07
CA VAL A 395 0.05 -3.56 -33.21
C VAL A 395 0.75 -3.48 -34.55
N THR A 396 0.52 -2.40 -35.27
CA THR A 396 1.26 -2.16 -36.51
C THR A 396 1.34 -0.67 -36.79
N GLY A 397 2.41 -0.24 -37.46
CA GLY A 397 2.65 1.17 -37.74
C GLY A 397 2.68 2.03 -36.49
N GLY A 398 3.02 1.42 -35.36
CA GLY A 398 3.11 2.17 -34.12
C GLY A 398 1.78 2.43 -33.43
N ALA A 399 0.75 1.63 -33.74
CA ALA A 399 -0.58 1.81 -33.15
C ALA A 399 -1.31 0.50 -32.84
N TYR A 400 -2.00 0.47 -31.69
CA TYR A 400 -2.90 -0.64 -31.36
C TYR A 400 -4.15 -0.60 -32.23
N GLN A 401 -4.47 -1.74 -32.85
CA GLN A 401 -5.75 -1.89 -33.53
C GLN A 401 -6.81 -2.05 -32.46
N ALA A 402 -7.99 -1.49 -32.68
CA ALA A 402 -9.07 -1.61 -31.68
C ALA A 402 -9.59 -3.04 -31.62
N PRO A 403 -9.66 -3.62 -30.41
CA PRO A 403 -10.24 -4.96 -30.22
C PRO A 403 -11.64 -5.05 -30.82
N HIS A 404 -12.01 -6.20 -31.35
CA HIS A 404 -13.33 -6.35 -31.94
C HIS A 404 -14.07 -7.60 -31.48
N ALA A 405 -13.35 -8.53 -30.84
CA ALA A 405 -13.98 -9.75 -30.34
C ALA A 405 -14.54 -9.49 -28.95
N PRO A 406 -15.58 -10.24 -28.53
CA PRO A 406 -16.15 -10.01 -27.19
C PRO A 406 -15.12 -10.26 -26.10
N GLY A 407 -15.19 -9.48 -25.03
CA GLY A 407 -14.32 -9.70 -23.89
C GLY A 407 -13.24 -8.67 -23.67
N PHE A 408 -12.32 -8.99 -22.76
CA PHE A 408 -11.31 -8.06 -22.30
C PHE A 408 -9.93 -8.40 -22.87
N SER A 409 -9.92 -9.32 -23.84
CA SER A 409 -8.73 -9.73 -24.59
C SER A 409 -7.73 -10.52 -23.76
N ILE A 410 -8.13 -10.86 -22.54
CA ILE A 410 -7.19 -11.41 -21.57
C ILE A 410 -7.21 -12.93 -21.53
N GLU A 411 -8.25 -13.55 -22.07
CA GLU A 411 -8.42 -15.00 -21.94
C GLU A 411 -7.26 -15.72 -22.60
N MET A 412 -6.61 -16.60 -21.85
CA MET A 412 -5.50 -17.38 -22.39
C MET A 412 -5.96 -18.70 -23.03
N LYS A 413 -5.11 -19.25 -23.88
CA LYS A 413 -5.35 -20.56 -24.45
C LYS A 413 -5.28 -21.64 -23.39
N GLU A 414 -6.15 -22.64 -23.52
CA GLU A 414 -6.25 -23.74 -22.58
C GLU A 414 -4.91 -24.43 -22.34
N ASP A 415 -4.15 -24.65 -23.41
CA ASP A 415 -2.84 -25.29 -23.28
C ASP A 415 -1.87 -24.47 -22.43
N THR A 416 -1.99 -23.14 -22.48
CA THR A 416 -1.14 -22.31 -21.64
C THR A 416 -1.45 -22.54 -20.16
N LEU A 417 -2.75 -22.61 -19.85
CA LEU A 417 -3.19 -22.82 -18.48
C LEU A 417 -2.61 -24.13 -17.91
N ASP A 418 -2.47 -25.13 -18.76
CA ASP A 418 -1.87 -26.40 -18.34
C ASP A 418 -0.35 -26.28 -18.22
N ALA A 419 0.27 -25.75 -19.28
CA ALA A 419 1.72 -25.81 -19.42
C ALA A 419 2.49 -24.91 -18.45
N PHE A 420 1.87 -23.81 -18.02
CA PHE A 420 2.63 -22.85 -17.24
C PHE A 420 2.26 -22.75 -15.75
N LEU A 421 1.52 -23.76 -15.29
CA LEU A 421 1.14 -23.87 -13.89
C LEU A 421 2.41 -24.02 -13.03
N PHE A 422 2.54 -23.23 -11.98
CA PHE A 422 3.74 -23.26 -11.15
C PHE A 422 3.71 -24.37 -10.13
N THR B 2 25.00 -18.67 16.15
CA THR B 2 23.56 -18.86 16.06
C THR B 2 23.05 -18.62 14.64
N LYS B 3 22.34 -19.61 14.11
CA LYS B 3 21.83 -19.57 12.76
C LYS B 3 20.30 -19.76 12.81
N ILE B 4 19.57 -19.01 11.99
CA ILE B 4 18.15 -19.25 11.82
C ILE B 4 18.00 -20.46 10.90
N THR B 5 17.42 -21.53 11.44
CA THR B 5 17.45 -22.83 10.77
C THR B 5 16.11 -23.27 10.20
N GLY B 6 15.07 -22.47 10.42
CA GLY B 6 13.75 -22.80 9.92
C GLY B 6 12.72 -21.87 10.51
N LEU B 7 11.46 -22.05 10.14
CA LEU B 7 10.38 -21.23 10.69
C LEU B 7 9.03 -21.92 10.66
N ARG B 8 8.18 -21.58 11.62
CA ARG B 8 6.84 -22.15 11.71
C ARG B 8 5.86 -20.99 11.75
N THR B 9 4.69 -21.19 11.15
CA THR B 9 3.67 -20.14 11.12
C THR B 9 2.36 -20.63 11.72
N TYR B 10 1.62 -19.72 12.34
CA TYR B 10 0.34 -20.07 12.94
C TYR B 10 -0.69 -19.00 12.58
N ASP B 11 -1.79 -19.44 12.00
CA ASP B 11 -2.90 -18.56 11.69
C ASP B 11 -3.81 -18.56 12.91
N LEU B 12 -3.64 -17.57 13.78
CA LEU B 12 -4.38 -17.54 15.04
C LEU B 12 -5.50 -16.50 15.01
N ARG B 13 -6.72 -16.91 15.35
CA ARG B 13 -7.87 -15.99 15.30
C ARG B 13 -8.69 -16.07 16.59
N PHE B 14 -9.01 -14.90 17.15
CA PHE B 14 -9.67 -14.82 18.46
C PHE B 14 -11.08 -14.22 18.34
N PRO B 15 -12.07 -14.85 18.99
CA PRO B 15 -13.47 -14.48 18.78
C PRO B 15 -13.93 -13.18 19.46
N THR B 16 -13.21 -12.09 19.22
CA THR B 16 -13.53 -10.80 19.84
C THR B 16 -14.90 -10.21 19.40
N SER B 17 -15.40 -10.64 18.25
CA SER B 17 -16.69 -10.14 17.75
C SER B 17 -17.87 -10.53 18.64
N GLU B 18 -17.71 -11.59 19.43
CA GLU B 18 -18.77 -12.09 20.30
C GLU B 18 -19.32 -11.03 21.25
N GLY B 19 -18.47 -10.10 21.68
CA GLY B 19 -18.91 -9.00 22.51
C GLY B 19 -18.69 -7.65 21.84
N LEU B 20 -18.37 -7.71 20.54
CA LEU B 20 -18.10 -6.50 19.76
C LEU B 20 -16.93 -5.68 20.33
N ASP B 21 -16.01 -6.34 21.02
CA ASP B 21 -14.81 -5.67 21.49
C ASP B 21 -14.00 -5.31 20.25
N GLY B 22 -13.53 -4.08 20.17
CA GLY B 22 -12.78 -3.66 18.99
C GLY B 22 -13.66 -3.02 17.92
N SER B 23 -14.97 -3.14 18.07
CA SER B 23 -15.90 -2.59 17.07
C SER B 23 -15.71 -1.10 16.86
N ASP B 24 -15.78 -0.66 15.61
CA ASP B 24 -15.62 0.75 15.27
C ASP B 24 -16.43 1.07 14.01
N ALA B 25 -16.31 2.31 13.53
CA ALA B 25 -17.16 2.74 12.40
C ALA B 25 -16.83 2.00 11.10
N MET B 26 -15.58 1.60 10.92
CA MET B 26 -15.18 0.88 9.70
C MET B 26 -15.28 -0.64 9.88
N ASN B 27 -14.90 -1.11 11.06
CA ASN B 27 -14.83 -2.53 11.36
C ASN B 27 -15.83 -2.91 12.43
N PRO B 28 -17.02 -3.39 12.01
CA PRO B 28 -18.14 -3.61 12.94
C PRO B 28 -17.94 -4.81 13.86
N ASP B 29 -17.18 -5.79 13.40
CA ASP B 29 -17.09 -7.07 14.10
C ASP B 29 -15.74 -7.74 13.93
N PRO B 30 -14.65 -7.02 14.23
CA PRO B 30 -13.32 -7.62 14.04
C PRO B 30 -13.12 -8.86 14.90
N ASP B 31 -12.43 -9.85 14.35
CA ASP B 31 -11.95 -11.00 15.10
C ASP B 31 -10.43 -10.86 15.19
N TYR B 32 -9.98 -10.29 16.30
CA TYR B 32 -8.56 -10.03 16.52
C TYR B 32 -7.75 -11.27 16.22
N SER B 33 -6.77 -11.13 15.33
CA SER B 33 -6.03 -12.30 14.85
C SER B 33 -4.54 -12.03 14.73
N ALA B 34 -3.75 -13.09 14.82
CA ALA B 34 -2.32 -12.94 14.69
C ALA B 34 -1.78 -13.87 13.64
N ALA B 35 -1.06 -13.32 12.67
CA ALA B 35 -0.28 -14.15 11.75
C ALA B 35 1.08 -14.30 12.42
N TYR B 36 1.27 -15.45 13.06
CA TYR B 36 2.30 -15.65 14.07
C TYR B 36 3.46 -16.48 13.50
N VAL B 37 4.69 -16.07 13.80
CA VAL B 37 5.87 -16.73 13.25
C VAL B 37 6.91 -17.05 14.33
N ILE B 38 7.54 -18.21 14.20
CA ILE B 38 8.63 -18.60 15.08
C ILE B 38 9.85 -18.92 14.23
N LEU B 39 10.92 -18.17 14.46
CA LEU B 39 12.19 -18.42 13.80
C LEU B 39 12.96 -19.42 14.62
N GLU B 40 13.33 -20.54 13.99
CA GLU B 40 14.00 -21.62 14.72
C GLU B 40 15.51 -21.41 14.70
N THR B 41 16.16 -21.80 15.79
CA THR B 41 17.61 -21.79 15.85
C THR B 41 18.08 -23.16 16.31
N GLU B 42 19.39 -23.37 16.32
CA GLU B 42 19.93 -24.61 16.88
C GLU B 42 20.04 -24.47 18.39
N GLY B 43 20.01 -23.24 18.86
CA GLY B 43 20.26 -22.95 20.25
C GLY B 43 19.06 -23.11 21.16
N THR B 44 19.07 -22.34 22.24
CA THR B 44 18.05 -22.43 23.27
C THR B 44 16.88 -21.47 23.00
N HIS B 45 17.12 -20.47 22.16
CA HIS B 45 16.11 -19.44 21.92
C HIS B 45 15.45 -19.60 20.56
N GLU B 46 14.19 -19.20 20.48
CA GLU B 46 13.51 -19.05 19.20
C GLU B 46 12.93 -17.64 19.16
N GLY B 47 12.90 -17.06 17.96
CA GLY B 47 12.37 -15.72 17.81
C GLY B 47 10.90 -15.76 17.45
N HIS B 48 10.05 -15.29 18.37
CA HIS B 48 8.62 -15.24 18.14
C HIS B 48 8.23 -13.86 17.64
N GLY B 49 7.27 -13.81 16.72
CA GLY B 49 6.75 -12.54 16.23
C GLY B 49 5.38 -12.74 15.64
N LEU B 50 4.64 -11.65 15.46
CA LEU B 50 3.35 -11.73 14.81
C LEU B 50 3.06 -10.44 14.09
N THR B 51 2.10 -10.47 13.17
CA THR B 51 1.51 -9.24 12.70
C THR B 51 0.00 -9.35 12.92
N PHE B 52 -0.67 -8.22 13.08
CA PHE B 52 -2.05 -8.22 13.53
C PHE B 52 -3.05 -7.95 12.41
N THR B 53 -4.10 -8.76 12.37
CA THR B 53 -5.21 -8.55 11.44
C THR B 53 -6.50 -8.75 12.23
N ILE B 54 -7.64 -8.56 11.58
CA ILE B 54 -8.92 -8.69 12.27
C ILE B 54 -9.80 -9.81 11.73
N GLY B 55 -9.18 -10.88 11.24
CA GLY B 55 -9.92 -12.07 10.87
C GLY B 55 -9.61 -12.56 9.46
N ARG B 56 -10.62 -12.51 8.59
CA ARG B 56 -10.44 -12.92 7.20
C ARG B 56 -9.27 -12.14 6.60
N GLY B 57 -8.44 -12.83 5.82
CA GLY B 57 -7.24 -12.22 5.27
C GLY B 57 -5.99 -12.55 6.06
N ASN B 58 -6.14 -13.06 7.29
CA ASN B 58 -4.97 -13.48 8.07
C ASN B 58 -4.12 -14.50 7.31
N GLU B 59 -4.77 -15.39 6.55
CA GLU B 59 -4.07 -16.44 5.81
C GLU B 59 -3.23 -15.87 4.66
N ILE B 60 -3.57 -14.68 4.19
CA ILE B 60 -2.81 -14.00 3.15
C ILE B 60 -1.48 -13.53 3.73
N CYS B 61 -1.52 -13.01 4.96
CA CYS B 61 -0.31 -12.63 5.68
C CYS B 61 0.58 -13.85 5.96
N ILE B 62 -0.05 -14.98 6.29
CA ILE B 62 0.68 -16.23 6.54
C ILE B 62 1.44 -16.63 5.27
N ALA B 63 0.77 -16.52 4.13
CA ALA B 63 1.39 -16.80 2.84
C ALA B 63 2.59 -15.88 2.59
N ALA B 64 2.44 -14.61 2.90
CA ALA B 64 3.54 -13.66 2.76
C ALA B 64 4.71 -13.95 3.73
N ILE B 65 4.39 -14.36 4.96
CA ILE B 65 5.45 -14.70 5.92
C ILE B 65 6.26 -15.87 5.40
N LYS B 66 5.58 -16.90 4.92
CA LYS B 66 6.25 -18.06 4.34
C LYS B 66 7.16 -17.67 3.19
N ALA B 67 6.71 -16.74 2.35
CA ALA B 67 7.51 -16.28 1.21
C ALA B 67 8.78 -15.60 1.71
N LEU B 68 8.64 -14.73 2.71
CA LEU B 68 9.81 -14.05 3.29
C LEU B 68 10.77 -15.03 3.92
N GLY B 69 10.25 -16.17 4.35
CA GLY B 69 11.04 -17.20 5.02
C GLY B 69 12.24 -17.66 4.22
N ALA B 70 12.11 -17.64 2.90
CA ALA B 70 13.21 -18.02 2.02
C ALA B 70 14.41 -17.06 2.15
N LEU B 71 14.15 -15.85 2.61
CA LEU B 71 15.19 -14.85 2.73
C LEU B 71 15.91 -14.90 4.08
N VAL B 72 15.32 -15.62 5.04
CA VAL B 72 15.74 -15.53 6.44
C VAL B 72 16.36 -16.84 6.94
N VAL B 73 15.75 -17.95 6.56
CA VAL B 73 16.25 -19.28 6.93
C VAL B 73 17.64 -19.45 6.32
N GLY B 74 18.61 -19.84 7.14
CA GLY B 74 19.98 -19.97 6.69
C GLY B 74 20.86 -18.80 7.07
N LEU B 75 20.27 -17.69 7.49
CA LEU B 75 21.05 -16.52 7.89
C LEU B 75 21.71 -16.73 9.27
N ASP B 76 22.90 -16.18 9.43
CA ASP B 76 23.55 -16.15 10.74
C ASP B 76 23.10 -14.91 11.50
N LEU B 77 22.74 -15.09 12.78
CA LEU B 77 22.25 -13.99 13.60
C LEU B 77 23.30 -12.87 13.75
N ASP B 78 24.58 -13.26 13.79
CA ASP B 78 25.65 -12.28 13.92
C ASP B 78 25.73 -11.39 12.70
N TRP B 79 25.50 -11.96 11.52
CA TRP B 79 25.50 -11.17 10.30
C TRP B 79 24.35 -10.15 10.37
N ILE B 80 23.21 -10.62 10.85
CA ILE B 80 22.07 -9.74 11.03
C ILE B 80 22.41 -8.60 11.97
N ARG B 81 22.93 -8.93 13.16
CA ARG B 81 23.25 -7.94 14.20
C ARG B 81 24.33 -6.93 13.82
N GLU B 82 25.29 -7.34 13.00
CA GLU B 82 26.40 -6.46 12.61
C GLU B 82 25.93 -5.20 11.88
N ASP B 83 24.85 -5.33 11.13
CA ASP B 83 24.28 -4.19 10.41
C ASP B 83 22.85 -4.54 10.10
N MET B 84 21.94 -4.25 11.02
CA MET B 84 20.56 -4.68 10.81
C MET B 84 19.84 -3.86 9.74
N GLY B 85 20.34 -2.66 9.45
CA GLY B 85 19.84 -1.91 8.31
C GLY B 85 20.08 -2.67 7.01
N ARG B 86 21.25 -3.28 6.90
CA ARG B 86 21.59 -4.14 5.77
C ARG B 86 20.65 -5.33 5.70
N PHE B 87 20.43 -5.99 6.84
CA PHE B 87 19.44 -7.08 6.90
C PHE B 87 18.05 -6.62 6.48
N TRP B 88 17.66 -5.43 6.91
CA TRP B 88 16.34 -4.89 6.58
C TRP B 88 16.22 -4.66 5.06
N ARG B 89 17.26 -4.11 4.44
CA ARG B 89 17.29 -3.97 2.98
C ARG B 89 17.17 -5.36 2.35
N HIS B 90 17.87 -6.33 2.91
CA HIS B 90 17.84 -7.70 2.41
C HIS B 90 16.43 -8.32 2.45
N VAL B 91 15.78 -8.23 3.60
CA VAL B 91 14.52 -8.94 3.83
C VAL B 91 13.37 -8.27 3.07
N THR B 92 13.51 -6.98 2.78
CA THR B 92 12.50 -6.27 1.99
C THR B 92 12.99 -6.06 0.55
N GLY B 93 14.08 -6.73 0.20
CA GLY B 93 14.78 -6.45 -1.05
C GLY B 93 14.66 -7.47 -2.16
N ASP B 94 13.93 -8.56 -1.95
CA ASP B 94 13.63 -9.49 -3.05
C ASP B 94 12.71 -8.74 -4.02
N SER B 95 13.22 -8.39 -5.20
CA SER B 95 12.48 -7.54 -6.14
C SER B 95 11.13 -8.13 -6.55
N GLN B 96 11.06 -9.44 -6.61
CA GLN B 96 9.81 -10.12 -6.93
C GLN B 96 8.78 -10.00 -5.80
N LEU B 97 9.24 -10.18 -4.56
CA LEU B 97 8.34 -9.97 -3.42
C LEU B 97 7.97 -8.50 -3.30
N ARG B 98 8.91 -7.61 -3.67
CA ARG B 98 8.64 -6.18 -3.67
C ARG B 98 7.47 -5.83 -4.58
N TRP B 99 7.34 -6.57 -5.68
CA TRP B 99 6.28 -6.29 -6.66
C TRP B 99 4.89 -6.42 -6.02
N ILE B 100 4.80 -7.27 -5.00
CA ILE B 100 3.56 -7.52 -4.26
C ILE B 100 3.24 -6.33 -3.35
N GLY B 101 4.24 -5.48 -3.12
CA GLY B 101 4.07 -4.24 -2.38
C GLY B 101 4.25 -3.00 -3.25
N PRO B 102 5.41 -2.32 -3.14
CA PRO B 102 6.50 -2.59 -2.18
C PRO B 102 6.20 -1.98 -0.82
N ASP B 103 6.68 -2.62 0.25
CA ASP B 103 6.57 -2.09 1.61
C ASP B 103 5.13 -1.64 1.93
N LYS B 104 4.15 -2.47 1.60
CA LYS B 104 2.76 -2.17 1.88
C LYS B 104 1.92 -3.43 1.77
N GLY B 105 0.76 -3.40 2.42
CA GLY B 105 -0.16 -4.53 2.38
C GLY B 105 0.40 -5.78 3.01
N ALA B 106 -0.07 -6.93 2.51
CA ALA B 106 0.27 -8.22 3.12
C ALA B 106 1.77 -8.50 3.22
N ILE B 107 2.54 -8.12 2.20
CA ILE B 107 3.97 -8.41 2.22
C ILE B 107 4.72 -7.61 3.29
N HIS B 108 4.24 -6.42 3.63
CA HIS B 108 4.91 -5.59 4.64
C HIS B 108 4.42 -5.94 6.05
N LEU B 109 3.14 -6.29 6.16
CA LEU B 109 2.63 -6.85 7.41
C LEU B 109 3.47 -8.06 7.80
N ALA B 110 3.73 -8.92 6.82
CA ALA B 110 4.56 -10.09 7.04
C ALA B 110 5.98 -9.69 7.44
N ALA B 111 6.50 -8.64 6.82
CA ALA B 111 7.85 -8.19 7.15
C ALA B 111 7.93 -7.71 8.61
N GLY B 112 6.89 -7.02 9.06
CA GLY B 112 6.81 -6.59 10.46
C GLY B 112 6.94 -7.78 11.41
N ALA B 113 6.22 -8.85 11.13
CA ALA B 113 6.25 -10.06 11.92
C ALA B 113 7.65 -10.67 11.95
N VAL B 114 8.25 -10.82 10.77
CA VAL B 114 9.57 -11.43 10.63
C VAL B 114 10.66 -10.57 11.26
N VAL B 115 10.66 -9.28 10.97
CA VAL B 115 11.66 -8.38 11.53
C VAL B 115 11.55 -8.36 13.06
N ASN B 116 10.34 -8.23 13.58
CA ASN B 116 10.15 -8.23 15.02
C ASN B 116 10.52 -9.57 15.65
N ALA B 117 10.36 -10.67 14.91
CA ALA B 117 10.77 -11.98 15.41
C ALA B 117 12.30 -12.02 15.62
N VAL B 118 13.03 -11.41 14.70
CA VAL B 118 14.48 -11.36 14.81
C VAL B 118 14.88 -10.56 16.05
N TRP B 119 14.22 -9.42 16.28
CA TRP B 119 14.46 -8.63 17.49
C TRP B 119 14.20 -9.47 18.74
N ASP B 120 13.13 -10.25 18.73
CA ASP B 120 12.81 -11.12 19.86
C ASP B 120 13.98 -12.07 20.10
N LEU B 121 14.49 -12.66 19.02
CA LEU B 121 15.59 -13.59 19.13
C LEU B 121 16.86 -12.91 19.66
N TRP B 122 17.17 -11.75 19.09
CA TRP B 122 18.38 -10.99 19.45
C TRP B 122 18.32 -10.64 20.94
N ALA B 123 17.17 -10.13 21.36
CA ALA B 123 16.98 -9.73 22.75
C ALA B 123 17.12 -10.90 23.72
N LYS B 124 16.51 -12.04 23.38
CA LYS B 124 16.60 -13.24 24.22
C LYS B 124 18.05 -13.67 24.35
N ASP B 125 18.78 -13.61 23.24
CA ASP B 125 20.16 -14.06 23.21
C ASP B 125 21.05 -13.22 24.12
N THR B 126 20.79 -11.92 24.17
CA THR B 126 21.62 -11.03 24.98
C THR B 126 21.10 -10.87 26.40
N GLY B 127 19.92 -11.42 26.67
CA GLY B 127 19.34 -11.38 28.00
C GLY B 127 18.82 -10.01 28.38
N LYS B 128 18.11 -9.37 27.46
CA LYS B 128 17.57 -8.03 27.68
C LYS B 128 16.17 -7.91 27.09
N PRO B 129 15.28 -7.16 27.77
CA PRO B 129 14.06 -6.76 27.06
C PRO B 129 14.45 -5.87 25.87
N VAL B 130 13.65 -5.90 24.82
CA VAL B 130 13.99 -5.18 23.59
C VAL B 130 14.24 -3.69 23.85
N TRP B 131 13.36 -3.05 24.64
CA TRP B 131 13.54 -1.64 24.92
C TRP B 131 14.94 -1.35 25.50
N ARG B 132 15.40 -2.21 26.39
CA ARG B 132 16.71 -2.02 26.97
C ARG B 132 17.82 -2.39 25.99
N LEU B 133 17.58 -3.41 25.17
CA LEU B 133 18.57 -3.82 24.18
C LEU B 133 18.94 -2.64 23.27
N VAL B 134 17.92 -1.91 22.81
CA VAL B 134 18.16 -0.77 21.93
C VAL B 134 18.61 0.49 22.67
N ALA B 135 17.97 0.78 23.81
CA ALA B 135 18.31 1.96 24.60
C ALA B 135 19.78 1.99 25.02
N ASP B 136 20.36 0.81 25.27
CA ASP B 136 21.76 0.72 25.67
C ASP B 136 22.72 0.96 24.51
N MET B 137 22.20 0.99 23.29
CA MET B 137 23.07 1.15 22.14
C MET B 137 23.58 2.59 22.01
N SER B 138 24.76 2.75 21.44
CA SER B 138 25.28 4.09 21.14
C SER B 138 24.50 4.72 19.98
N PRO B 139 24.60 6.05 19.80
CA PRO B 139 23.97 6.70 18.64
C PRO B 139 24.31 6.04 17.31
N ALA B 140 25.58 5.72 17.09
CA ALA B 140 26.00 5.08 15.84
C ALA B 140 25.40 3.69 15.66
N GLU B 141 25.28 2.95 16.77
CA GLU B 141 24.74 1.59 16.72
C GLU B 141 23.25 1.62 16.40
N ILE B 142 22.54 2.58 16.98
CA ILE B 142 21.12 2.74 16.69
C ILE B 142 20.93 3.17 15.23
N LEU B 143 21.75 4.11 14.78
CA LEU B 143 21.68 4.61 13.40
C LEU B 143 21.81 3.46 12.40
N ARG B 144 22.70 2.52 12.74
CA ARG B 144 23.01 1.40 11.87
C ARG B 144 21.83 0.43 11.68
N LEU B 145 20.86 0.48 12.58
CA LEU B 145 19.69 -0.39 12.52
C LEU B 145 18.79 -0.05 11.34
N ILE B 146 18.93 1.17 10.82
CA ILE B 146 17.92 1.74 9.94
C ILE B 146 18.30 1.76 8.45
N ASP B 147 17.39 1.29 7.60
CA ASP B 147 17.50 1.44 6.15
C ASP B 147 16.87 2.78 5.79
N PHE B 148 17.70 3.71 5.33
CA PHE B 148 17.26 5.06 5.04
C PHE B 148 16.75 5.27 3.60
N ARG B 149 16.64 4.20 2.82
CA ARG B 149 16.21 4.35 1.42
C ARG B 149 14.84 5.00 1.35
N TYR B 150 14.76 6.02 0.49
CA TYR B 150 13.55 6.82 0.28
C TYR B 150 13.22 7.71 1.47
N LEU B 151 14.19 7.90 2.37
CA LEU B 151 14.00 8.82 3.49
C LEU B 151 14.88 10.06 3.38
N THR B 152 15.93 9.99 2.56
CA THR B 152 17.05 10.93 2.67
C THR B 152 16.73 12.37 2.31
N ASP B 153 15.63 12.60 1.59
CA ASP B 153 15.26 13.99 1.28
C ASP B 153 14.63 14.68 2.49
N VAL B 154 14.18 13.90 3.47
CA VAL B 154 13.54 14.46 4.66
C VAL B 154 14.40 14.24 5.91
N LEU B 155 14.99 13.06 6.02
CA LEU B 155 15.90 12.76 7.12
C LEU B 155 17.04 11.91 6.61
N ALA B 156 18.20 12.52 6.45
CA ALA B 156 19.39 11.79 6.00
C ALA B 156 20.12 11.23 7.24
N PRO B 157 20.97 10.20 7.05
CA PRO B 157 21.63 9.57 8.20
C PRO B 157 22.38 10.55 9.12
N GLU B 158 22.99 11.56 8.52
CA GLU B 158 23.78 12.54 9.28
C GLU B 158 22.89 13.29 10.27
N GLU B 159 21.72 13.71 9.82
CA GLU B 159 20.80 14.43 10.67
C GLU B 159 20.17 13.51 11.72
N ALA B 160 19.92 12.27 11.36
CA ALA B 160 19.42 11.29 12.32
C ALA B 160 20.47 11.06 13.40
N LEU B 161 21.73 10.96 12.98
CA LEU B 161 22.82 10.75 13.92
C LEU B 161 22.92 11.93 14.91
N ASP B 162 22.75 13.15 14.41
CA ASP B 162 22.76 14.33 15.28
C ASP B 162 21.67 14.27 16.37
N LEU B 163 20.48 13.81 15.99
CA LEU B 163 19.39 13.68 16.94
C LEU B 163 19.75 12.64 18.00
N LEU B 164 20.27 11.50 17.56
CA LEU B 164 20.63 10.41 18.45
C LEU B 164 21.72 10.85 19.44
N LYS B 165 22.72 11.58 18.94
CA LYS B 165 23.79 12.10 19.80
C LYS B 165 23.28 13.10 20.83
N ALA B 166 22.38 14.00 20.42
CA ALA B 166 21.80 14.98 21.34
C ALA B 166 21.06 14.35 22.52
N ALA B 167 20.46 13.17 22.28
CA ALA B 167 19.67 12.49 23.31
C ALA B 167 20.50 11.55 24.16
N GLU B 168 21.74 11.29 23.75
CA GLU B 168 22.58 10.35 24.47
C GLU B 168 22.89 10.69 25.96
N PRO B 169 23.21 11.96 26.26
CA PRO B 169 23.70 12.21 27.63
C PRO B 169 22.69 11.95 28.75
N GLY B 170 21.40 12.06 28.47
CA GLY B 170 20.42 11.87 29.52
C GLY B 170 19.86 10.46 29.69
N LYS B 171 20.42 9.49 28.97
CA LYS B 171 19.82 8.15 28.90
C LYS B 171 19.68 7.43 30.25
N GLU B 172 20.74 7.46 31.06
CA GLU B 172 20.72 6.75 32.33
C GLU B 172 19.64 7.29 33.26
N GLU B 173 19.56 8.61 33.37
CA GLU B 173 18.54 9.23 34.19
C GLU B 173 17.15 8.85 33.69
N ARG B 174 16.96 8.85 32.38
CA ARG B 174 15.65 8.49 31.81
C ARG B 174 15.31 7.02 32.04
N ILE B 175 16.30 6.14 31.90
CA ILE B 175 16.07 4.73 32.23
C ILE B 175 15.61 4.59 33.70
N ALA B 176 16.30 5.26 34.61
CA ALA B 176 15.92 5.18 36.02
C ALA B 176 14.49 5.68 36.21
N ARG B 177 14.20 6.82 35.60
CA ARG B 177 12.88 7.42 35.70
C ARG B 177 11.81 6.46 35.16
N LEU B 178 12.12 5.78 34.06
CA LEU B 178 11.21 4.83 33.46
C LEU B 178 10.89 3.67 34.41
N ILE B 179 11.92 3.18 35.09
CA ILE B 179 11.76 2.13 36.11
C ILE B 179 10.87 2.59 37.25
N GLU B 180 11.05 3.84 37.67
CA GLU B 180 10.25 4.40 38.75
C GLU B 180 8.81 4.73 38.36
N GLU B 181 8.61 5.22 37.13
CA GLU B 181 7.33 5.83 36.77
C GLU B 181 6.53 5.05 35.74
N GLY B 182 7.21 4.22 34.96
CA GLY B 182 6.60 3.61 33.80
C GLY B 182 6.31 4.65 32.73
N TYR B 183 5.56 4.26 31.70
CA TYR B 183 5.22 5.15 30.59
C TYR B 183 3.69 5.32 30.52
N PRO B 184 3.21 6.57 30.61
CA PRO B 184 1.77 6.85 30.67
C PRO B 184 1.01 6.37 29.43
N CYS B 185 -0.20 5.85 29.65
CA CYS B 185 -1.03 5.38 28.55
C CYS B 185 -2.47 5.85 28.65
N TYR B 186 -3.19 5.79 27.53
CA TYR B 186 -4.61 6.09 27.52
C TYR B 186 -5.41 4.85 27.18
N THR B 187 -6.68 4.83 27.52
CA THR B 187 -7.51 3.66 27.22
C THR B 187 -8.60 3.89 26.16
N THR B 188 -8.79 2.88 25.32
CA THR B 188 -9.85 2.92 24.31
C THR B 188 -10.93 1.89 24.67
N SER B 189 -10.71 1.20 25.80
CA SER B 189 -11.59 0.11 26.19
C SER B 189 -13.02 0.47 26.59
N ALA B 190 -13.29 1.76 26.82
CA ALA B 190 -14.66 2.16 27.10
C ALA B 190 -15.35 2.64 25.82
N GLY B 191 -14.61 2.64 24.72
CA GLY B 191 -15.00 3.41 23.56
C GLY B 191 -15.52 2.70 22.33
N TRP B 192 -15.53 1.36 22.36
CA TRP B 192 -15.90 0.59 21.17
C TRP B 192 -17.33 0.92 20.73
N LEU B 193 -17.51 1.07 19.43
CA LEU B 193 -18.76 1.61 18.88
C LEU B 193 -19.96 0.72 19.10
N GLY B 194 -19.75 -0.59 19.23
CA GLY B 194 -20.86 -1.51 19.42
C GLY B 194 -21.44 -1.58 20.83
N TYR B 195 -20.81 -0.91 21.78
CA TYR B 195 -21.26 -0.98 23.17
C TYR B 195 -22.55 -0.20 23.40
N SER B 196 -23.43 -0.74 24.24
CA SER B 196 -24.61 0.00 24.67
C SER B 196 -24.20 1.21 25.51
N ASP B 197 -25.12 2.18 25.64
CA ASP B 197 -24.87 3.36 26.46
C ASP B 197 -24.57 2.96 27.89
N GLU B 198 -25.32 1.98 28.41
CA GLU B 198 -25.11 1.55 29.79
C GLU B 198 -23.71 1.00 30.00
N LYS B 199 -23.24 0.21 29.03
CA LYS B 199 -21.90 -0.34 29.09
C LYS B 199 -20.86 0.77 28.97
N LEU B 200 -21.08 1.69 28.04
CA LEU B 200 -20.27 2.91 27.93
C LEU B 200 -20.14 3.65 29.28
N ARG B 201 -21.26 3.89 29.95
CA ARG B 201 -21.23 4.60 31.24
C ARG B 201 -20.36 3.88 32.27
N ARG B 202 -20.56 2.57 32.39
CA ARG B 202 -19.83 1.77 33.36
C ARG B 202 -18.34 1.78 33.08
N LEU B 203 -17.97 1.59 31.81
CA LEU B 203 -16.57 1.53 31.45
C LEU B 203 -15.88 2.90 31.53
N CYS B 204 -16.65 3.97 31.36
CA CYS B 204 -16.11 5.32 31.59
C CYS B 204 -15.73 5.50 33.07
N ARG B 205 -16.61 5.04 33.96
CA ARG B 205 -16.35 5.13 35.39
C ARG B 205 -15.15 4.27 35.78
N GLU B 206 -15.05 3.10 35.17
CA GLU B 206 -13.90 2.24 35.40
C GLU B 206 -12.61 2.93 34.99
N ALA B 207 -12.57 3.47 33.78
CA ALA B 207 -11.38 4.16 33.31
C ALA B 207 -10.98 5.30 34.24
N ARG B 208 -11.97 6.04 34.73
CA ARG B 208 -11.69 7.16 35.61
C ARG B 208 -11.18 6.63 36.94
N ALA B 209 -11.88 5.66 37.50
CA ALA B 209 -11.47 5.03 38.76
C ALA B 209 -10.05 4.47 38.72
N ALA B 210 -9.64 3.99 37.54
CA ALA B 210 -8.33 3.36 37.39
C ALA B 210 -7.18 4.37 37.36
N GLY B 211 -7.50 5.65 37.15
CA GLY B 211 -6.51 6.70 37.11
C GLY B 211 -6.05 7.16 35.74
N PHE B 212 -6.73 6.72 34.67
CA PHE B 212 -6.42 7.24 33.36
C PHE B 212 -6.75 8.74 33.32
N THR B 213 -5.91 9.52 32.63
CA THR B 213 -6.21 10.93 32.43
C THR B 213 -6.69 11.18 31.01
N HIS B 214 -6.65 10.13 30.19
CA HIS B 214 -6.97 10.20 28.77
C HIS B 214 -7.79 8.96 28.38
N THR B 215 -8.87 9.17 27.65
CA THR B 215 -9.77 8.09 27.24
C THR B 215 -10.26 8.34 25.81
N LYS B 216 -10.29 7.28 24.99
CA LYS B 216 -10.68 7.44 23.58
C LYS B 216 -11.98 6.74 23.24
N PHE B 217 -12.74 7.35 22.32
CA PHE B 217 -14.02 6.82 21.89
C PHE B 217 -14.11 6.72 20.37
N LYS B 218 -14.71 5.63 19.90
CA LYS B 218 -15.01 5.45 18.50
C LYS B 218 -16.20 6.34 18.13
N VAL B 219 -16.15 6.90 16.92
CA VAL B 219 -17.23 7.72 16.35
C VAL B 219 -17.28 7.43 14.86
N GLY B 220 -18.30 7.96 14.18
CA GLY B 220 -18.25 8.01 12.72
C GLY B 220 -19.34 7.29 11.96
N ARG B 221 -20.12 6.47 12.65
CA ARG B 221 -21.21 5.76 11.99
C ARG B 221 -22.49 6.59 11.96
N ASP B 222 -22.84 7.18 13.10
CA ASP B 222 -24.10 7.93 13.21
C ASP B 222 -23.88 9.17 14.07
N LEU B 223 -24.16 10.34 13.51
CA LEU B 223 -23.85 11.60 14.17
C LEU B 223 -24.62 11.75 15.47
N SER B 224 -25.90 11.40 15.41
CA SER B 224 -26.77 11.45 16.56
C SER B 224 -26.24 10.56 17.68
N ASP B 225 -25.80 9.35 17.33
CA ASP B 225 -25.18 8.47 18.33
C ASP B 225 -23.95 9.11 18.95
N ASP B 226 -23.07 9.66 18.10
CA ASP B 226 -21.82 10.24 18.56
C ASP B 226 -22.03 11.40 19.53
N ILE B 227 -22.96 12.30 19.20
CA ILE B 227 -23.31 13.41 20.06
C ILE B 227 -23.83 12.90 21.40
N ARG B 228 -24.74 11.91 21.36
CA ARG B 228 -25.30 11.34 22.57
C ARG B 228 -24.23 10.65 23.41
N ARG B 229 -23.44 9.78 22.77
CA ARG B 229 -22.37 9.04 23.45
C ARG B 229 -21.32 9.94 24.09
N LEU B 230 -20.86 10.97 23.35
CA LEU B 230 -19.85 11.86 23.91
C LEU B 230 -20.39 12.73 25.07
N THR B 231 -21.67 13.12 24.98
CA THR B 231 -22.33 13.84 26.06
C THR B 231 -22.33 12.97 27.32
N ILE B 232 -22.76 11.73 27.17
CA ILE B 232 -22.76 10.77 28.26
C ILE B 232 -21.35 10.50 28.80
N ALA B 233 -20.39 10.27 27.90
CA ALA B 233 -19.00 10.09 28.29
C ALA B 233 -18.50 11.23 29.14
N ARG B 234 -18.74 12.47 28.71
CA ARG B 234 -18.31 13.64 29.47
C ARG B 234 -18.91 13.69 30.88
N GLU B 235 -20.20 13.36 30.98
CA GLU B 235 -20.89 13.29 32.26
C GLU B 235 -20.20 12.36 33.26
N GLU B 236 -19.83 11.18 32.80
CA GLU B 236 -19.27 10.16 33.69
C GLU B 236 -17.79 10.44 33.94
N LEU B 237 -17.09 10.89 32.91
CA LEU B 237 -15.65 11.08 32.99
C LEU B 237 -15.23 12.34 33.76
N GLY B 238 -16.10 13.35 33.76
CA GLY B 238 -15.80 14.61 34.42
C GLY B 238 -15.10 15.59 33.49
N GLU B 239 -15.00 16.86 33.89
CA GLU B 239 -14.48 17.90 33.00
C GLU B 239 -12.98 17.82 32.76
N ASP B 240 -12.25 17.28 33.74
CA ASP B 240 -10.80 17.23 33.67
C ASP B 240 -10.28 16.12 32.75
N MET B 241 -11.09 15.09 32.51
CA MET B 241 -10.66 13.97 31.66
C MET B 241 -10.31 14.46 30.26
N ASN B 242 -9.24 13.91 29.68
CA ASN B 242 -8.96 14.19 28.29
C ASN B 242 -9.67 13.19 27.39
N ILE B 243 -10.50 13.69 26.48
CA ILE B 243 -11.24 12.82 25.58
C ILE B 243 -10.66 12.88 24.17
N MET B 244 -10.57 11.74 23.50
CA MET B 244 -10.18 11.68 22.10
C MET B 244 -11.21 10.88 21.33
N ILE B 245 -11.27 11.10 20.02
CA ILE B 245 -12.21 10.36 19.18
C ILE B 245 -11.52 9.79 17.95
N ASP B 246 -12.02 8.65 17.48
CA ASP B 246 -11.41 7.89 16.39
C ASP B 246 -12.51 7.48 15.41
N ALA B 247 -12.39 7.94 14.17
CA ALA B 247 -13.38 7.68 13.13
C ALA B 247 -13.01 6.49 12.25
N ASN B 248 -11.80 5.96 12.41
CA ASN B 248 -11.37 4.79 11.65
C ASN B 248 -11.54 4.91 10.13
N GLN B 249 -11.22 6.09 9.59
CA GLN B 249 -11.05 6.35 8.15
C GLN B 249 -12.33 6.63 7.33
N VAL B 250 -13.50 6.62 7.96
CA VAL B 250 -14.76 6.48 7.22
C VAL B 250 -15.23 7.71 6.41
N TRP B 251 -14.74 8.89 6.77
CA TRP B 251 -15.26 10.13 6.18
C TRP B 251 -14.52 10.61 4.94
N GLU B 252 -15.26 11.35 4.10
CA GLU B 252 -14.66 12.25 3.12
C GLU B 252 -14.08 13.46 3.88
N VAL B 253 -13.26 14.24 3.19
CA VAL B 253 -12.63 15.41 3.80
C VAL B 253 -13.66 16.42 4.32
N ASP B 254 -14.60 16.83 3.47
CA ASP B 254 -15.59 17.84 3.88
C ASP B 254 -16.52 17.30 4.97
N GLU B 255 -16.94 16.05 4.80
CA GLU B 255 -17.72 15.36 5.82
C GLU B 255 -17.01 15.34 7.18
N ALA B 256 -15.70 15.10 7.15
CA ALA B 256 -14.91 14.99 8.37
C ALA B 256 -14.87 16.31 9.11
N ILE B 257 -14.64 17.39 8.38
CA ILE B 257 -14.58 18.71 8.99
C ILE B 257 -15.91 19.08 9.64
N ASP B 258 -17.01 18.88 8.92
N ASP B 258 -17.01 18.87 8.92
CA ASP B 258 -18.34 19.16 9.46
CA ASP B 258 -18.35 19.13 9.45
C ASP B 258 -18.67 18.30 10.69
C ASP B 258 -18.63 18.31 10.70
N TRP B 259 -18.42 17.00 10.59
CA TRP B 259 -18.71 16.06 11.69
C TRP B 259 -17.89 16.33 12.98
N VAL B 260 -16.58 16.49 12.91
CA VAL B 260 -15.89 16.75 14.17
C VAL B 260 -16.19 18.14 14.74
N ASN B 261 -16.41 19.13 13.88
CA ASN B 261 -16.88 20.42 14.40
C ASN B 261 -18.20 20.31 15.14
N ARG B 262 -19.08 19.42 14.69
CA ARG B 262 -20.32 19.13 15.41
C ARG B 262 -20.05 18.46 16.76
N LEU B 263 -18.87 17.85 16.91
CA LEU B 263 -18.52 17.17 18.16
C LEU B 263 -17.59 18.03 19.02
N ALA B 264 -17.39 19.27 18.61
CA ALA B 264 -16.46 20.17 19.30
C ALA B 264 -16.82 20.43 20.76
N PHE B 265 -18.11 20.39 21.09
CA PHE B 265 -18.58 20.60 22.46
C PHE B 265 -17.91 19.63 23.46
N ALA B 266 -17.52 18.45 22.98
CA ALA B 266 -16.95 17.42 23.85
C ALA B 266 -15.49 17.69 24.16
N ARG B 267 -14.97 18.76 23.56
CA ARG B 267 -13.57 19.14 23.69
C ARG B 267 -12.59 17.98 23.42
N PRO B 268 -12.76 17.29 22.29
CA PRO B 268 -11.80 16.20 22.01
C PRO B 268 -10.41 16.76 21.73
N LEU B 269 -9.37 16.14 22.28
CA LEU B 269 -7.99 16.60 22.04
C LEU B 269 -7.65 16.47 20.56
N PHE B 270 -8.08 15.36 19.96
CA PHE B 270 -7.87 15.15 18.53
C PHE B 270 -8.91 14.22 17.94
N ILE B 271 -9.00 14.26 16.62
CA ILE B 271 -9.74 13.25 15.86
C ILE B 271 -8.69 12.34 15.21
N GLU B 272 -8.88 11.04 15.34
CA GLU B 272 -7.94 10.07 14.79
C GLU B 272 -8.48 9.48 13.50
N GLU B 273 -7.62 9.38 12.50
CA GLU B 273 -8.00 8.84 11.19
C GLU B 273 -9.33 9.37 10.69
N PRO B 274 -9.43 10.69 10.46
CA PRO B 274 -10.70 11.20 9.94
C PRO B 274 -10.99 10.67 8.53
N THR B 275 -9.95 10.26 7.80
CA THR B 275 -10.18 9.78 6.43
C THR B 275 -9.15 8.70 6.05
N SER B 276 -9.10 8.33 4.77
CA SER B 276 -8.16 7.32 4.28
C SER B 276 -6.73 7.47 4.79
N PRO B 277 -6.11 6.36 5.21
CA PRO B 277 -4.74 6.43 5.75
C PRO B 277 -3.69 6.77 4.67
N ASP B 278 -4.11 6.85 3.40
CA ASP B 278 -3.20 7.22 2.31
C ASP B 278 -3.28 8.70 1.99
N ASP B 279 -4.26 9.38 2.57
CA ASP B 279 -4.56 10.73 2.12
C ASP B 279 -3.83 11.77 2.96
N VAL B 280 -2.61 12.07 2.56
CA VAL B 280 -1.82 13.08 3.23
C VAL B 280 -2.43 14.46 3.08
N LEU B 281 -2.69 14.88 1.84
CA LEU B 281 -3.22 16.21 1.59
C LEU B 281 -4.63 16.34 2.17
N GLY B 282 -5.37 15.24 2.15
CA GLY B 282 -6.68 15.18 2.78
C GLY B 282 -6.62 15.45 4.28
N HIS B 283 -5.74 14.76 4.99
CA HIS B 283 -5.56 14.97 6.42
C HIS B 283 -5.16 16.42 6.73
N LYS B 284 -4.28 16.98 5.90
CA LYS B 284 -3.86 18.37 6.08
C LYS B 284 -5.03 19.34 5.94
N ALA B 285 -5.90 19.11 4.95
CA ALA B 285 -7.10 19.94 4.79
C ALA B 285 -8.03 19.81 5.99
N ILE B 286 -8.23 18.57 6.46
CA ILE B 286 -9.06 18.34 7.63
C ILE B 286 -8.47 19.04 8.86
N ARG B 287 -7.15 18.95 9.01
CA ARG B 287 -6.42 19.57 10.12
C ARG B 287 -6.68 21.07 10.20
N GLU B 288 -6.64 21.73 9.05
CA GLU B 288 -6.91 23.16 8.98
C GLU B 288 -8.36 23.47 9.31
N GLY B 289 -9.27 22.61 8.88
CA GLY B 289 -10.68 22.86 9.08
C GLY B 289 -11.19 22.62 10.49
N VAL B 290 -10.47 21.81 11.28
CA VAL B 290 -10.96 21.45 12.61
C VAL B 290 -10.11 21.98 13.76
N ALA B 291 -8.99 22.64 13.43
CA ALA B 291 -8.19 23.32 14.45
C ALA B 291 -9.10 24.22 15.28
N PRO B 292 -8.90 24.28 16.61
CA PRO B 292 -7.77 23.72 17.39
C PRO B 292 -7.89 22.23 17.73
N ILE B 293 -8.94 21.54 17.31
CA ILE B 293 -8.96 20.09 17.50
C ILE B 293 -7.84 19.51 16.65
N LYS B 294 -6.97 18.71 17.26
CA LYS B 294 -5.81 18.17 16.52
C LYS B 294 -6.17 16.97 15.67
N VAL B 295 -5.24 16.57 14.81
CA VAL B 295 -5.47 15.45 13.90
C VAL B 295 -4.41 14.40 14.15
N ALA B 296 -4.84 13.16 14.35
CA ALA B 296 -3.91 12.06 14.53
C ALA B 296 -4.20 11.00 13.48
N THR B 297 -3.16 10.29 13.06
CA THR B 297 -3.28 9.16 12.14
C THR B 297 -1.99 8.37 12.15
N GLY B 298 -2.04 7.15 11.64
CA GLY B 298 -0.84 6.37 11.44
C GLY B 298 -0.93 4.87 11.60
N GLU B 299 -1.98 4.37 12.27
CA GLU B 299 -2.03 2.93 12.57
C GLU B 299 -2.04 2.04 11.33
N MET B 300 -2.51 2.58 10.20
CA MET B 300 -2.44 1.86 8.93
C MET B 300 -1.49 2.54 7.93
N CYS B 301 -0.78 3.57 8.37
CA CYS B 301 0.18 4.23 7.47
C CYS B 301 1.21 3.18 7.05
N GLN B 302 1.35 2.97 5.75
CA GLN B 302 1.96 1.74 5.27
C GLN B 302 3.48 1.62 5.49
N ASN B 303 4.18 2.74 5.49
CA ASN B 303 5.64 2.71 5.53
C ASN B 303 6.25 4.08 5.84
N ARG B 304 7.57 4.13 5.89
CA ARG B 304 8.28 5.37 6.26
C ARG B 304 8.09 6.44 5.17
N ILE B 305 7.82 6.00 3.95
CA ILE B 305 7.71 6.96 2.85
C ILE B 305 6.44 7.78 3.01
N MET B 306 5.35 7.12 3.39
CA MET B 306 4.10 7.82 3.63
C MET B 306 4.19 8.66 4.91
N PHE B 307 4.75 8.07 5.98
CA PHE B 307 4.89 8.80 7.25
C PHE B 307 5.71 10.08 7.08
N LYS B 308 6.80 10.00 6.33
CA LYS B 308 7.66 11.16 6.15
C LYS B 308 6.90 12.31 5.48
N GLN B 309 5.93 11.96 4.63
CA GLN B 309 5.16 12.96 3.91
C GLN B 309 4.05 13.54 4.78
N PHE B 310 3.40 12.68 5.56
CA PHE B 310 2.47 13.17 6.58
C PHE B 310 3.16 14.20 7.48
N ILE B 311 4.37 13.87 7.91
CA ILE B 311 5.07 14.70 8.90
C ILE B 311 5.64 15.95 8.27
N ALA B 312 6.37 15.81 7.16
CA ALA B 312 6.98 16.98 6.52
C ALA B 312 5.96 18.00 5.99
N SER B 313 4.78 17.54 5.58
CA SER B 313 3.77 18.45 5.03
C SER B 313 2.91 19.09 6.10
N GLY B 314 3.13 18.71 7.36
CA GLY B 314 2.31 19.21 8.46
C GLY B 314 0.86 18.76 8.33
N ALA B 315 0.67 17.49 7.98
CA ALA B 315 -0.68 16.97 7.76
C ALA B 315 -1.31 16.42 9.05
N LEU B 316 -0.53 16.37 10.12
CA LEU B 316 -1.00 15.81 11.38
C LEU B 316 -0.26 16.43 12.58
N ASP B 317 -0.87 16.30 13.76
CA ASP B 317 -0.28 16.79 15.00
C ASP B 317 0.35 15.65 15.76
N ILE B 318 -0.27 14.47 15.68
CA ILE B 318 0.11 13.32 16.50
C ILE B 318 0.42 12.14 15.59
N VAL B 319 1.63 11.59 15.73
CA VAL B 319 2.09 10.48 14.89
C VAL B 319 1.81 9.14 15.57
N GLN B 320 0.98 8.32 14.94
CA GLN B 320 0.54 7.08 15.59
C GLN B 320 1.13 5.86 14.91
N ILE B 321 2.39 5.54 15.23
CA ILE B 321 3.00 4.38 14.61
C ILE B 321 2.29 3.13 15.10
N ASP B 322 2.32 2.09 14.28
CA ASP B 322 1.89 0.77 14.70
C ASP B 322 3.09 -0.16 14.64
N SER B 323 3.20 -1.07 15.61
CA SER B 323 4.36 -1.93 15.77
C SER B 323 4.59 -2.96 14.66
N CYS B 324 3.54 -3.38 13.96
CA CYS B 324 3.73 -4.40 12.94
C CYS B 324 2.98 -4.17 11.62
N ARG B 325 2.42 -2.98 11.44
CA ARG B 325 1.88 -2.60 10.13
C ARG B 325 3.01 -2.42 9.12
N MET B 326 4.11 -1.83 9.58
CA MET B 326 5.25 -1.57 8.71
C MET B 326 6.31 -2.65 8.94
N GLY B 327 7.55 -2.38 8.51
CA GLY B 327 8.63 -3.36 8.63
C GLY B 327 9.26 -3.46 10.01
N GLY B 328 8.41 -3.56 11.04
CA GLY B 328 8.88 -3.79 12.40
C GLY B 328 9.63 -2.63 13.03
N LEU B 329 10.31 -2.93 14.13
CA LEU B 329 11.02 -1.94 14.95
C LEU B 329 11.91 -0.99 14.15
N ASN B 330 12.70 -1.53 13.23
CA ASN B 330 13.63 -0.70 12.45
C ASN B 330 12.95 0.46 11.73
N GLU B 331 11.82 0.19 11.10
CA GLU B 331 11.10 1.22 10.36
C GLU B 331 10.39 2.17 11.31
N VAL B 332 9.86 1.62 12.40
CA VAL B 332 9.25 2.43 13.45
C VAL B 332 10.28 3.44 13.99
N LEU B 333 11.49 2.97 14.24
CA LEU B 333 12.56 3.85 14.75
C LEU B 333 12.87 4.99 13.78
N ALA B 334 12.89 4.67 12.48
CA ALA B 334 13.11 5.69 11.46
C ALA B 334 12.02 6.74 11.54
N VAL B 335 10.78 6.31 11.66
CA VAL B 335 9.67 7.26 11.74
C VAL B 335 9.73 8.11 13.02
N MET B 336 10.13 7.49 14.13
CA MET B 336 10.26 8.20 15.40
C MET B 336 11.32 9.31 15.29
N LEU B 337 12.38 9.03 14.53
CA LEU B 337 13.41 10.05 14.30
C LEU B 337 12.89 11.17 13.41
N VAL B 338 12.11 10.84 12.37
CA VAL B 338 11.49 11.89 11.55
C VAL B 338 10.55 12.73 12.42
N ALA B 339 9.79 12.08 13.29
CA ALA B 339 8.89 12.79 14.18
C ALA B 339 9.67 13.72 15.09
N ALA B 340 10.80 13.25 15.60
CA ALA B 340 11.62 14.07 16.50
C ALA B 340 12.19 15.28 15.76
N LYS B 341 12.62 15.10 14.52
CA LYS B 341 13.12 16.23 13.74
C LYS B 341 12.07 17.34 13.65
N TYR B 342 10.81 16.96 13.49
CA TYR B 342 9.72 17.91 13.35
C TYR B 342 8.98 18.19 14.66
N ASP B 343 9.52 17.70 15.77
CA ASP B 343 8.96 17.95 17.11
C ASP B 343 7.50 17.55 17.19
N LEU B 344 7.16 16.41 16.59
CA LEU B 344 5.82 15.86 16.63
C LEU B 344 5.84 14.66 17.58
N PRO B 345 4.84 14.57 18.47
CA PRO B 345 4.80 13.47 19.43
C PRO B 345 4.35 12.17 18.77
N VAL B 346 4.89 11.05 19.25
CA VAL B 346 4.48 9.72 18.77
C VAL B 346 3.63 9.04 19.84
N TRP B 347 2.38 8.72 19.48
CA TRP B 347 1.46 8.00 20.37
C TRP B 347 1.05 6.73 19.64
N PRO B 348 1.72 5.61 19.93
CA PRO B 348 1.50 4.37 19.17
C PRO B 348 0.10 3.75 19.31
N HIS B 349 -0.36 3.13 18.22
CA HIS B 349 -1.59 2.37 18.18
C HIS B 349 -1.36 1.07 18.94
N ALA B 350 -2.37 0.63 19.69
CA ALA B 350 -2.26 -0.65 20.41
C ALA B 350 -3.57 -1.43 20.36
N GLY B 351 -4.42 -1.08 19.39
CA GLY B 351 -5.73 -1.69 19.26
C GLY B 351 -5.67 -3.05 18.57
N GLY B 352 -5.26 -4.08 19.30
CA GLY B 352 -5.13 -5.40 18.71
C GLY B 352 -4.40 -6.37 19.60
N VAL B 353 -4.36 -7.64 19.20
CA VAL B 353 -3.72 -8.67 20.01
C VAL B 353 -2.18 -8.60 19.94
N GLY B 354 -1.54 -8.48 21.10
CA GLY B 354 -0.09 -8.34 21.15
C GLY B 354 0.46 -6.95 20.87
N LEU B 355 -0.39 -6.05 20.39
CA LEU B 355 0.08 -4.72 20.03
C LEU B 355 0.57 -3.92 21.23
N CYS B 356 -0.15 -3.99 22.37
CA CYS B 356 0.33 -3.35 23.60
C CYS B 356 1.71 -3.90 23.97
N GLU B 357 1.83 -5.21 23.88
CA GLU B 357 3.05 -5.93 24.27
C GLU B 357 4.24 -5.45 23.44
N TYR B 358 3.99 -5.12 22.19
CA TYR B 358 5.02 -4.58 21.32
C TYR B 358 5.31 -3.11 21.57
N VAL B 359 4.27 -2.26 21.58
CA VAL B 359 4.51 -0.81 21.48
C VAL B 359 5.05 -0.22 22.79
N GLN B 360 4.83 -0.91 23.91
CA GLN B 360 5.45 -0.48 25.15
C GLN B 360 6.98 -0.35 24.98
N HIS B 361 7.62 -1.33 24.34
CA HIS B 361 9.07 -1.30 24.13
C HIS B 361 9.44 -0.14 23.21
N MET B 362 8.64 0.06 22.16
CA MET B 362 8.94 1.06 21.16
C MET B 362 8.93 2.49 21.70
N SER B 363 7.92 2.83 22.50
CA SER B 363 7.84 4.17 23.09
C SER B 363 8.93 4.36 24.13
N MET B 364 9.26 3.28 24.82
CA MET B 364 10.29 3.35 25.84
C MET B 364 11.68 3.63 25.23
N ILE B 365 11.93 3.06 24.05
CA ILE B 365 13.12 3.41 23.28
C ILE B 365 13.03 4.87 22.88
N ASP B 366 11.86 5.28 22.39
CA ASP B 366 11.66 6.66 21.96
C ASP B 366 12.00 7.60 23.11
N TYR B 367 11.47 7.30 24.29
CA TYR B 367 11.73 8.11 25.48
C TYR B 367 13.21 8.14 25.87
N VAL B 368 13.83 6.98 25.98
CA VAL B 368 15.21 6.96 26.48
C VAL B 368 16.22 7.56 25.49
N ALA B 369 16.08 7.20 24.22
CA ALA B 369 17.18 7.39 23.26
C ALA B 369 16.85 8.25 22.05
N ILE B 370 15.61 8.69 21.92
CA ILE B 370 15.22 9.49 20.75
C ILE B 370 14.79 10.92 21.10
N CYS B 371 13.62 11.08 21.72
CA CYS B 371 13.14 12.43 22.00
C CYS B 371 13.27 12.85 23.46
N GLY B 372 13.42 11.88 24.35
CA GLY B 372 13.71 12.21 25.73
C GLY B 372 12.54 12.79 26.53
N GLU B 373 11.32 12.55 26.06
CA GLU B 373 10.16 13.09 26.76
C GLU B 373 8.99 12.11 26.67
N LYS B 374 8.29 11.93 27.79
CA LYS B 374 7.17 10.99 27.84
C LYS B 374 5.92 11.54 28.55
N ASP B 375 6.11 12.50 29.46
CA ASP B 375 5.03 13.02 30.31
C ASP B 375 3.80 13.49 29.54
N SER B 376 4.04 14.15 28.42
CA SER B 376 2.97 14.73 27.62
C SER B 376 2.41 13.76 26.58
N LYS B 377 2.93 12.53 26.55
CA LYS B 377 2.46 11.58 25.54
C LYS B 377 1.67 10.46 26.19
N ARG B 378 0.93 9.70 25.37
CA ARG B 378 0.21 8.55 25.88
C ARG B 378 0.27 7.42 24.85
N ILE B 379 0.73 6.24 25.28
CA ILE B 379 0.66 5.07 24.44
C ILE B 379 -0.78 4.58 24.48
N GLU B 380 -1.33 4.12 23.36
CA GLU B 380 -2.65 3.51 23.44
C GLU B 380 -2.58 2.26 24.30
N TYR B 381 -3.70 1.93 24.95
CA TYR B 381 -3.82 0.68 25.67
C TYR B 381 -5.24 0.15 25.54
N VAL B 382 -5.36 -1.16 25.37
CA VAL B 382 -6.66 -1.83 25.43
C VAL B 382 -6.51 -3.05 26.32
N ASP B 383 -7.58 -3.40 27.03
CA ASP B 383 -7.53 -4.48 28.00
C ASP B 383 -8.07 -5.79 27.44
N HIS B 384 -7.51 -6.24 26.31
CA HIS B 384 -7.99 -7.46 25.68
C HIS B 384 -6.87 -8.46 25.42
N LEU B 385 -7.13 -9.73 25.76
CA LEU B 385 -6.34 -10.88 25.29
C LEU B 385 -4.92 -11.00 25.86
N HIS B 386 -4.59 -10.17 26.85
CA HIS B 386 -3.27 -10.22 27.50
C HIS B 386 -2.97 -11.56 28.15
N GLU B 387 -4.02 -12.34 28.44
CA GLU B 387 -3.88 -13.63 29.09
C GLU B 387 -3.15 -14.69 28.24
N HIS B 388 -2.99 -14.42 26.94
CA HIS B 388 -2.34 -15.39 26.06
C HIS B 388 -0.82 -15.25 26.00
N PHE B 389 -0.29 -14.21 26.65
CA PHE B 389 1.14 -13.92 26.59
C PHE B 389 1.93 -14.39 27.81
N LYS B 390 3.11 -14.95 27.56
CA LYS B 390 3.99 -15.38 28.63
C LYS B 390 4.36 -14.20 29.52
N HIS B 391 4.59 -13.04 28.90
CA HIS B 391 4.95 -11.82 29.64
C HIS B 391 4.12 -10.63 29.17
N PRO B 392 2.85 -10.57 29.62
CA PRO B 392 1.95 -9.51 29.18
C PRO B 392 2.43 -8.15 29.67
N CYS B 393 1.99 -7.09 29.01
CA CYS B 393 2.25 -5.75 29.50
C CYS B 393 1.53 -5.63 30.85
N ILE B 394 2.07 -4.77 31.70
CA ILE B 394 1.49 -4.52 33.01
C ILE B 394 1.15 -3.04 33.10
N VAL B 395 -0.14 -2.72 33.18
CA VAL B 395 -0.56 -1.34 33.33
C VAL B 395 -1.38 -1.12 34.61
N THR B 396 -1.09 -0.01 35.29
CA THR B 396 -1.83 0.36 36.50
C THR B 396 -1.63 1.86 36.72
N GLY B 397 -2.65 2.52 37.26
CA GLY B 397 -2.57 3.95 37.49
C GLY B 397 -2.28 4.73 36.22
N GLY B 398 -2.71 4.20 35.09
CA GLY B 398 -2.58 4.89 33.82
C GLY B 398 -1.19 4.85 33.18
N ALA B 399 -0.43 3.79 33.45
CA ALA B 399 0.94 3.68 32.93
C ALA B 399 1.43 2.25 32.74
N TYR B 400 2.16 2.02 31.65
CA TYR B 400 2.89 0.78 31.40
C TYR B 400 4.13 0.69 32.29
N GLN B 401 4.26 -0.42 33.00
CA GLN B 401 5.50 -0.74 33.70
C GLN B 401 6.55 -1.21 32.67
N ALA B 402 7.80 -0.81 32.86
CA ALA B 402 8.86 -1.21 31.93
C ALA B 402 9.06 -2.73 31.95
N PRO B 403 9.05 -3.36 30.77
CA PRO B 403 9.26 -4.81 30.62
C PRO B 403 10.58 -5.28 31.23
N HIS B 404 10.59 -6.49 31.77
CA HIS B 404 11.80 -7.03 32.40
C HIS B 404 12.33 -8.26 31.68
N ALA B 405 11.42 -9.08 31.14
CA ALA B 405 11.81 -10.35 30.53
C ALA B 405 12.56 -10.15 29.21
N PRO B 406 13.55 -11.02 28.95
CA PRO B 406 14.22 -10.93 27.64
C PRO B 406 13.25 -11.18 26.49
N GLY B 407 13.48 -10.50 25.37
CA GLY B 407 12.59 -10.62 24.23
C GLY B 407 11.67 -9.43 24.07
N PHE B 408 10.64 -9.60 23.23
CA PHE B 408 9.81 -8.49 22.76
C PHE B 408 8.42 -8.54 23.39
N SER B 409 8.26 -9.34 24.45
CA SER B 409 6.99 -9.49 25.19
C SER B 409 5.87 -10.17 24.40
N ILE B 410 6.19 -10.68 23.23
CA ILE B 410 5.17 -11.09 22.27
C ILE B 410 4.94 -12.61 22.28
N GLU B 411 5.85 -13.37 22.87
CA GLU B 411 5.71 -14.82 22.83
C GLU B 411 4.44 -15.28 23.54
N MET B 412 3.68 -16.15 22.90
CA MET B 412 2.42 -16.63 23.46
C MET B 412 2.62 -17.94 24.21
N LYS B 413 1.73 -18.19 25.17
CA LYS B 413 1.70 -19.47 25.85
C LYS B 413 1.43 -20.56 24.82
N GLU B 414 2.11 -21.68 24.96
CA GLU B 414 2.03 -22.78 24.00
C GLU B 414 0.60 -23.27 23.78
N ASP B 415 -0.18 -23.36 24.84
CA ASP B 415 -1.59 -23.76 24.74
C ASP B 415 -2.38 -22.89 23.78
N THR B 416 -2.05 -21.60 23.74
CA THR B 416 -2.76 -20.66 22.86
C THR B 416 -2.49 -20.97 21.39
N LEU B 417 -1.28 -21.41 21.08
CA LEU B 417 -0.89 -21.71 19.72
C LEU B 417 -1.68 -22.88 19.15
N ASP B 418 -2.19 -23.73 20.03
CA ASP B 418 -2.99 -24.87 19.59
C ASP B 418 -4.49 -24.54 19.61
N ALA B 419 -4.94 -23.85 20.65
CA ALA B 419 -6.37 -23.60 20.84
C ALA B 419 -6.98 -22.64 19.82
N PHE B 420 -6.17 -21.72 19.31
CA PHE B 420 -6.71 -20.64 18.48
C PHE B 420 -6.24 -20.70 17.03
N LEU B 421 -5.80 -21.90 16.63
CA LEU B 421 -5.42 -22.17 15.26
C LEU B 421 -6.66 -22.18 14.37
N PHE B 422 -6.70 -21.32 13.36
CA PHE B 422 -7.87 -21.21 12.48
C PHE B 422 -8.09 -22.43 11.57
C1 GOL C . 9.48 -5.47 -15.16
O1 GOL C . 9.83 -6.22 -16.31
C2 GOL C . 9.10 -4.04 -15.56
O2 GOL C . 10.22 -3.37 -16.09
C3 GOL C . 7.98 -4.05 -16.59
O3 GOL C . 7.37 -2.77 -16.66
C1 GOL D . 10.43 16.21 -1.47
O1 GOL D . 11.84 16.18 -1.50
C2 GOL D . 9.86 17.16 -0.41
O2 GOL D . 10.21 18.51 -0.67
C3 GOL D . 10.30 16.78 0.99
O3 GOL D . 9.25 17.12 1.87
MG MG E . 8.06 1.37 -15.82
C CO2 F . -16.68 16.40 -28.07
O1 CO2 F . -15.92 17.14 -28.67
O2 CO2 F . -17.42 15.63 -27.48
C CO2 G . -21.25 3.44 -4.31
O1 CO2 G . -20.95 3.94 -5.38
O2 CO2 G . -21.55 2.93 -3.24
C1 GOL H . -10.21 -2.49 15.35
O1 GOL H . -10.56 -3.08 16.58
C2 GOL H . -9.49 -1.17 15.57
O2 GOL H . -10.43 -0.19 16.01
C3 GOL H . -8.40 -1.34 16.64
O3 GOL H . -7.75 -0.11 16.91
MG MG I . -7.40 4.04 15.65
C CO2 J . 19.82 14.41 26.89
O1 CO2 J . 19.36 15.51 27.06
O2 CO2 J . 20.29 13.30 26.73
C CO2 K . 21.53 -0.07 4.39
O1 CO2 K . 21.75 -0.67 3.34
O2 CO2 K . 21.32 0.54 5.43
#